data_8UXV
#
_entry.id   8UXV
#
_cell.length_a   1.00
_cell.length_b   1.00
_cell.length_c   1.00
_cell.angle_alpha   90.00
_cell.angle_beta   90.00
_cell.angle_gamma   90.00
#
_symmetry.space_group_name_H-M   'P 1'
#
loop_
_entity.id
_entity.type
_entity.pdbx_description
1 polymer 'Nanobody 35'
2 polymer miniGs399
3 polymer 'Guanine nucleotide-binding protein G(I)/G(S)/G(T) subunit beta-1'
4 polymer 'Guanine nucleotide-binding protein G(I)/G(S)/G(O) subunit gamma-2'
5 polymer consOR51
#
loop_
_entity_poly.entity_id
_entity_poly.type
_entity_poly.pdbx_seq_one_letter_code
_entity_poly.pdbx_strand_id
1 'polypeptide(L)'
;QVQLQESGGGLVQPGGSLRLSCAASGFTFSNYKMNWVRQAPGKGLEWVSDISQSGASISYTGSVKGRFTISRDNAKNTLY
LQMNSLKPEDTAVYYCARCPAPFTRDCFDVTSTTYAYRGQGTQVTVSSLEVLFQGPGHHHHHHHH
;
N
2 'polypeptide(L)'
;GGSLEVLFQGPSGNSKTEDQRNEEKAQREANKKIEKQLQKDKQVYRATHRLLLLGADNSGKSTIVKQMRILHGGSGGSGG
TSGIFETKFQVDKVNFHMFDVGGQRDERRKWIQCFNDVTAIIFVVDSSDYNRLQEALNLFKSIWNNRWLRTISVILFLNK
QDLLAEKVLAGKSKIEDYFPEFARYTTPEDATPEPGEDPRVTRAKYFIRDEFLRISTASGDGRHYCYPHFTCAVDTENAR
RIFNDCRDIIQRMHLRQYELL
;
X
3 'polypeptide(L)'
;MHHHHHHLEVLFQGPEDQVDPRLIDGKGSSGSELDQLRQEAEQLKNQIRDARKACADATLSQITNNIDPVGRIQMRTRRT
LRGHLAKIYAMHWGTDSRLLVSASQDGKLIIWDSYTTNKVHAIPLRSSWVMTCAYAPSGNYVACGGLDNICSIYNLKTRE
GNVRVSRELAGHTGYLSCCRFLDDNQIVTSSGDTTCALWDIETGQQTTTFTGHTGDVMSLSLAPDTRLFVSGACDASAKL
WDVREGMCRQTFTGHESDINAICFFPNGNAFATGSDDATCRLFDLRADQELMTYSHDNIICGITSVSFSKSGRLLLAGYD
DFNCNVWDALKADRAGVLAGHDNRVSCLGVTDDGMAVATGSWDSFLKIWN
;
Y
4 'polypeptide(L)' MASNNTASIAQARKLVEQLKMEANIDRIKVSKAAADLMAYCEAHAKEDPLLTPVPASENPFREKKFFCAIL Z
5 'polypeptide(L)'
;DYKDDDDASIDSINNSTSSAATFLLTGIPGLEAAHIWISIPFCFMYLIAILGNGTILFIIRTEPSLHEPMYYFLSMLAAT
DLGLSLSTLPTVLGIFWFNAREISFNACFAQMFFIHGFSFMESSVLLAMAFDRFVAICNPLRYASILTNTRVAKIGLAIL
TRSFLLILPLPFLLKRLPYCHSNVLSHSYCLHQDVMKLACADIRFNSIYGLFVVLSTMGLDSLLILFSYILILKTVLGIA
SREERLKALNTCVSHICAVLVFYVPMIGLSLVHRFGKHVPPVVHVLMANVYLLVPPVMNPIIYSVKTKQIRKRILRLFSL
KKI
;
A
#
# COMPACT_ATOMS: atom_id res chain seq x y z
N GLN A 1 -14.96 25.02 15.08
CA GLN A 1 -13.61 25.12 14.54
C GLN A 1 -12.57 25.06 15.65
N VAL A 2 -11.32 24.79 15.27
CA VAL A 2 -10.24 24.68 16.25
C VAL A 2 -9.90 26.06 16.78
N GLN A 3 -9.89 26.19 18.10
CA GLN A 3 -9.59 27.47 18.76
C GLN A 3 -8.56 27.23 19.84
N LEU A 4 -7.49 28.02 19.82
CA LEU A 4 -6.42 27.92 20.81
C LEU A 4 -6.05 29.33 21.25
N GLN A 5 -6.31 29.66 22.52
CA GLN A 5 -6.04 30.97 23.07
C GLN A 5 -4.95 30.86 24.13
N GLU A 6 -3.90 31.66 24.00
CA GLU A 6 -2.79 31.65 24.92
C GLU A 6 -2.81 32.89 25.80
N SER A 7 -2.27 32.76 27.01
CA SER A 7 -2.17 33.87 27.94
C SER A 7 -1.01 33.61 28.88
N GLY A 8 -0.46 34.70 29.43
CA GLY A 8 0.61 34.60 30.40
C GLY A 8 1.80 35.49 30.13
N GLY A 9 1.76 36.22 29.02
CA GLY A 9 2.87 37.09 28.67
C GLY A 9 2.99 38.29 29.59
N GLY A 10 4.15 38.93 29.54
CA GLY A 10 4.39 40.10 30.37
C GLY A 10 5.85 40.49 30.33
N LEU A 11 6.20 41.41 31.22
CA LEU A 11 7.57 41.89 31.38
C LEU A 11 8.20 41.22 32.59
N VAL A 12 9.32 40.55 32.38
CA VAL A 12 10.04 39.85 33.44
C VAL A 12 11.51 40.23 33.38
N GLN A 13 12.09 40.55 34.54
CA GLN A 13 13.51 40.83 34.61
C GLN A 13 14.29 39.53 34.39
N PRO A 14 15.55 39.64 33.96
CA PRO A 14 16.36 38.43 33.80
C PRO A 14 16.49 37.68 35.11
N GLY A 15 16.43 36.35 35.02
CA GLY A 15 16.43 35.50 36.19
C GLY A 15 15.09 35.36 36.86
N GLY A 16 14.01 35.91 36.29
CA GLY A 16 12.69 35.82 36.87
C GLY A 16 11.96 34.56 36.46
N SER A 17 10.65 34.57 36.71
CA SER A 17 9.78 33.45 36.43
C SER A 17 8.53 33.91 35.69
N LEU A 18 7.96 33.00 34.91
CA LEU A 18 6.77 33.31 34.13
C LEU A 18 6.09 32.00 33.75
N ARG A 19 4.76 32.00 33.73
CA ARG A 19 3.98 30.81 33.42
C ARG A 19 3.03 31.12 32.27
N LEU A 20 3.01 30.24 31.27
CA LEU A 20 2.16 30.39 30.10
C LEU A 20 1.05 29.35 30.14
N SER A 21 -0.17 29.77 29.81
CA SER A 21 -1.33 28.90 29.80
C SER A 21 -2.06 29.01 28.48
N CYS A 22 -2.54 27.87 27.97
CA CYS A 22 -3.31 27.84 26.74
C CYS A 22 -4.62 27.12 26.99
N ALA A 23 -5.72 27.72 26.55
CA ALA A 23 -7.05 27.14 26.70
C ALA A 23 -7.52 26.65 25.35
N ALA A 24 -7.83 25.36 25.26
CA ALA A 24 -8.20 24.72 24.00
C ALA A 24 -9.68 24.36 24.00
N SER A 25 -10.30 24.46 22.82
CA SER A 25 -11.71 24.14 22.68
C SER A 25 -11.98 23.76 21.23
N GLY A 26 -13.12 23.12 21.02
CA GLY A 26 -13.55 22.71 19.69
C GLY A 26 -13.07 21.35 19.25
N PHE A 27 -12.36 20.61 20.09
CA PHE A 27 -11.91 19.27 19.75
C PHE A 27 -11.62 18.51 21.02
N THR A 28 -11.53 17.18 20.90
CA THR A 28 -11.20 16.34 22.04
C THR A 28 -9.72 16.50 22.36
N PHE A 29 -9.43 17.01 23.56
CA PHE A 29 -8.06 17.34 23.92
C PHE A 29 -7.20 16.10 24.10
N SER A 30 -7.78 15.00 24.59
CA SER A 30 -7.01 13.84 25.00
C SER A 30 -6.53 12.99 23.84
N ASN A 31 -6.99 13.25 22.62
CA ASN A 31 -6.60 12.44 21.47
C ASN A 31 -5.45 13.05 20.66
N TYR A 32 -4.91 14.18 21.09
CA TYR A 32 -3.97 14.93 20.28
C TYR A 32 -2.69 15.22 21.05
N LYS A 33 -1.61 15.38 20.28
CA LYS A 33 -0.30 15.75 20.82
C LYS A 33 -0.10 17.26 20.67
N MET A 34 0.34 17.90 21.74
CA MET A 34 0.42 19.35 21.81
C MET A 34 1.87 19.80 21.81
N ASN A 35 2.11 21.01 21.28
CA ASN A 35 3.44 21.55 21.10
C ASN A 35 3.49 22.98 21.62
N TRP A 36 4.71 23.46 21.87
CA TRP A 36 4.98 24.87 22.12
C TRP A 36 5.99 25.34 21.09
N VAL A 37 5.68 26.45 20.42
CA VAL A 37 6.52 26.99 19.35
C VAL A 37 6.72 28.47 19.62
N ARG A 38 7.92 28.96 19.37
CA ARG A 38 8.25 30.37 19.59
C ARG A 38 8.91 30.94 18.34
N GLN A 39 8.82 32.26 18.20
CA GLN A 39 9.38 32.97 17.05
C GLN A 39 10.07 34.24 17.55
N ALA A 40 11.39 34.25 17.52
CA ALA A 40 12.13 35.45 17.89
C ALA A 40 12.05 36.48 16.77
N PRO A 41 12.18 37.77 17.09
CA PRO A 41 12.15 38.80 16.05
C PRO A 41 13.28 38.61 15.05
N GLY A 42 12.96 38.80 13.77
CA GLY A 42 13.92 38.56 12.72
C GLY A 42 14.38 37.12 12.61
N LYS A 43 13.49 36.17 12.89
CA LYS A 43 13.85 34.76 12.89
C LYS A 43 12.59 33.94 12.67
N GLY A 44 12.75 32.77 12.07
CA GLY A 44 11.64 31.91 11.76
C GLY A 44 11.09 31.20 12.98
N LEU A 45 10.04 30.42 12.75
CA LEU A 45 9.42 29.66 13.83
C LEU A 45 10.38 28.59 14.34
N GLU A 46 10.41 28.43 15.66
CA GLU A 46 11.34 27.49 16.30
C GLU A 46 10.58 26.63 17.29
N TRP A 47 10.77 25.32 17.19
CA TRP A 47 10.12 24.37 18.08
C TRP A 47 10.75 24.43 19.47
N VAL A 48 9.92 24.24 20.50
CA VAL A 48 10.37 24.38 21.88
C VAL A 48 10.17 23.08 22.66
N SER A 49 8.94 22.58 22.70
CA SER A 49 8.66 21.39 23.48
C SER A 49 7.38 20.73 22.97
N ASP A 50 7.19 19.47 23.35
CA ASP A 50 5.95 18.76 23.06
C ASP A 50 5.68 17.77 24.19
N ILE A 51 4.41 17.34 24.28
CA ILE A 51 3.98 16.38 25.27
C ILE A 51 3.02 15.40 24.61
N SER A 52 3.05 14.15 25.07
CA SER A 52 2.31 13.08 24.43
C SER A 52 0.81 13.21 24.73
N GLN A 53 0.04 12.21 24.29
CA GLN A 53 -1.40 12.24 24.48
C GLN A 53 -1.78 12.22 25.96
N SER A 54 -1.11 11.37 26.74
CA SER A 54 -1.39 11.28 28.18
C SER A 54 -0.28 11.89 29.03
N GLY A 55 0.72 12.51 28.40
CA GLY A 55 1.84 13.07 29.13
C GLY A 55 2.91 12.08 29.53
N ALA A 56 2.93 10.89 28.93
CA ALA A 56 3.94 9.90 29.29
C ALA A 56 5.31 10.29 28.78
N SER A 57 5.39 10.88 27.59
CA SER A 57 6.65 11.25 26.96
C SER A 57 6.75 12.77 26.84
N ILE A 58 7.87 13.31 27.31
CA ILE A 58 8.13 14.74 27.28
C ILE A 58 9.50 14.98 26.67
N SER A 59 9.60 15.94 25.76
CA SER A 59 10.87 16.28 25.13
C SER A 59 10.98 17.79 25.00
N TYR A 60 12.21 18.29 25.04
CA TYR A 60 12.51 19.70 24.92
C TYR A 60 13.60 19.91 23.88
N THR A 61 13.78 21.16 23.47
CA THR A 61 14.93 21.51 22.65
C THR A 61 16.17 21.60 23.53
N GLY A 62 17.32 21.80 22.88
CA GLY A 62 18.57 21.76 23.60
C GLY A 62 18.74 22.91 24.58
N SER A 63 18.34 24.12 24.20
CA SER A 63 18.68 25.32 24.96
C SER A 63 17.74 25.59 26.12
N VAL A 64 16.71 24.77 26.34
CA VAL A 64 15.76 24.97 27.43
C VAL A 64 15.75 23.82 28.42
N LYS A 65 16.61 22.81 28.24
CA LYS A 65 16.62 21.67 29.15
C LYS A 65 17.05 22.11 30.54
N GLY A 66 16.32 21.63 31.55
CA GLY A 66 16.61 21.97 32.93
C GLY A 66 16.01 23.28 33.40
N ARG A 67 15.32 24.01 32.54
CA ARG A 67 14.71 25.28 32.89
C ARG A 67 13.22 25.34 32.63
N PHE A 68 12.75 24.70 31.56
CA PHE A 68 11.35 24.74 31.18
C PHE A 68 10.66 23.42 31.54
N THR A 69 9.38 23.51 31.86
CA THR A 69 8.57 22.34 32.16
C THR A 69 7.21 22.48 31.48
N ILE A 70 6.80 21.47 30.74
CA ILE A 70 5.54 21.46 30.03
C ILE A 70 4.63 20.40 30.65
N SER A 71 3.36 20.76 30.82
CA SER A 71 2.38 19.83 31.36
C SER A 71 1.02 20.14 30.73
N ARG A 72 0.15 19.14 30.74
CA ARG A 72 -1.19 19.27 30.20
C ARG A 72 -2.20 18.74 31.20
N ASP A 73 -3.39 19.33 31.17
CA ASP A 73 -4.49 18.97 32.08
C ASP A 73 -5.68 18.57 31.21
N ASN A 74 -5.84 17.26 31.00
CA ASN A 74 -6.94 16.78 30.18
C ASN A 74 -8.30 16.99 30.84
N ALA A 75 -8.33 17.18 32.15
CA ALA A 75 -9.61 17.39 32.84
C ALA A 75 -10.27 18.69 32.40
N LYS A 76 -9.50 19.76 32.26
CA LYS A 76 -10.03 21.07 31.92
C LYS A 76 -9.52 21.59 30.58
N ASN A 77 -8.84 20.76 29.79
CA ASN A 77 -8.39 21.10 28.44
C ASN A 77 -7.52 22.34 28.44
N THR A 78 -6.40 22.27 29.17
CA THR A 78 -5.44 23.35 29.26
C THR A 78 -4.03 22.81 29.09
N LEU A 79 -3.14 23.67 28.60
CA LEU A 79 -1.73 23.37 28.45
C LEU A 79 -0.92 24.41 29.20
N TYR A 80 0.22 24.00 29.74
CA TYR A 80 1.04 24.86 30.58
C TYR A 80 2.50 24.80 30.16
N LEU A 81 3.21 25.90 30.40
CA LEU A 81 4.65 25.97 30.25
C LEU A 81 5.19 26.77 31.44
N GLN A 82 6.07 26.15 32.22
CA GLN A 82 6.64 26.77 33.41
C GLN A 82 8.05 27.24 33.08
N MET A 83 8.22 28.54 32.88
CA MET A 83 9.52 29.11 32.60
C MET A 83 10.25 29.42 33.90
N ASN A 84 11.56 29.21 33.89
CA ASN A 84 12.38 29.46 35.07
C ASN A 84 13.77 29.89 34.62
N SER A 85 14.36 30.83 35.36
CA SER A 85 15.68 31.38 35.06
C SER A 85 15.74 31.91 33.63
N LEU A 86 14.91 32.91 33.37
CA LEU A 86 14.81 33.48 32.03
C LEU A 86 16.10 34.19 31.65
N LYS A 87 16.38 34.22 30.35
CA LYS A 87 17.55 34.85 29.78
C LYS A 87 17.11 35.87 28.73
N PRO A 88 17.94 36.88 28.45
CA PRO A 88 17.55 37.89 27.46
C PRO A 88 17.34 37.33 26.05
N GLU A 89 17.85 36.14 25.77
CA GLU A 89 17.65 35.51 24.46
C GLU A 89 16.32 34.78 24.37
N ASP A 90 15.52 34.76 25.43
CA ASP A 90 14.24 34.05 25.44
C ASP A 90 13.07 34.92 25.01
N THR A 91 13.31 36.19 24.65
CA THR A 91 12.22 37.07 24.25
C THR A 91 11.71 36.73 22.86
N ALA A 92 10.42 36.48 22.75
CA ALA A 92 9.79 36.05 21.51
C ALA A 92 8.28 35.98 21.74
N VAL A 93 7.56 35.59 20.68
CA VAL A 93 6.11 35.34 20.75
C VAL A 93 5.91 33.83 20.77
N TYR A 94 5.12 33.35 21.72
CA TYR A 94 4.95 31.92 21.96
C TYR A 94 3.59 31.47 21.43
N TYR A 95 3.61 30.49 20.54
CA TYR A 95 2.41 29.89 19.97
C TYR A 95 2.24 28.48 20.50
N CYS A 96 0.99 28.03 20.56
CA CYS A 96 0.66 26.67 20.93
C CYS A 96 0.14 25.95 19.69
N ALA A 97 0.81 24.88 19.29
CA ALA A 97 0.47 24.14 18.09
C ALA A 97 -0.23 22.84 18.44
N ARG A 98 -0.80 22.21 17.43
CA ARG A 98 -1.56 20.98 17.59
C ARG A 98 -1.16 19.99 16.51
N CYS A 99 -1.17 18.70 16.86
CA CYS A 99 -0.89 17.67 15.88
C CYS A 99 -2.02 17.62 14.84
N PRO A 100 -1.68 17.54 13.55
CA PRO A 100 -2.75 17.56 12.53
C PRO A 100 -3.73 16.41 12.62
N ALA A 101 -3.30 15.24 13.06
CA ALA A 101 -4.17 14.07 13.08
C ALA A 101 -4.11 13.39 14.44
N PRO A 102 -5.22 12.79 14.88
CA PRO A 102 -5.23 12.11 16.17
C PRO A 102 -4.64 10.70 16.10
N PHE A 103 -4.26 10.20 17.26
CA PHE A 103 -3.76 8.85 17.49
C PHE A 103 -2.42 8.58 16.80
N THR A 104 -1.77 9.59 16.25
CA THR A 104 -0.48 9.42 15.60
C THR A 104 0.64 9.99 16.45
N ARG A 105 1.87 9.59 16.13
CA ARG A 105 3.05 10.02 16.87
C ARG A 105 4.01 10.86 16.01
N ASP A 106 3.59 11.28 14.83
CA ASP A 106 4.38 12.16 13.97
C ASP A 106 3.65 13.47 13.78
N CYS A 107 4.41 14.57 13.77
CA CYS A 107 3.84 15.91 13.64
C CYS A 107 4.51 16.63 12.48
N PHE A 108 3.86 16.63 11.32
CA PHE A 108 4.29 17.43 10.20
C PHE A 108 3.80 18.87 10.32
N ASP A 109 4.68 19.81 9.93
CA ASP A 109 4.29 21.17 9.56
C ASP A 109 3.73 21.98 10.72
N VAL A 110 4.20 21.73 11.95
CA VAL A 110 3.72 22.54 13.07
C VAL A 110 4.38 23.90 13.11
N THR A 111 5.57 24.04 12.50
CA THR A 111 6.31 25.29 12.51
C THR A 111 6.20 26.04 11.19
N SER A 112 5.24 25.67 10.34
CA SER A 112 5.10 26.30 9.05
C SER A 112 4.57 27.73 9.19
N THR A 113 4.74 28.51 8.13
CA THR A 113 4.32 29.91 8.16
C THR A 113 2.81 30.03 8.31
N THR A 114 2.05 29.18 7.63
CA THR A 114 0.59 29.30 7.62
C THR A 114 -0.10 28.07 8.18
N TYR A 115 0.39 27.54 9.29
CA TYR A 115 -0.26 26.41 9.92
C TYR A 115 -1.62 26.82 10.45
N ALA A 116 -2.58 25.89 10.35
CA ALA A 116 -3.98 26.20 10.65
C ALA A 116 -4.33 26.03 12.12
N TYR A 117 -3.83 25.00 12.77
CA TYR A 117 -4.19 24.68 14.16
C TYR A 117 -3.16 25.28 15.13
N ARG A 118 -2.99 26.60 15.04
CA ARG A 118 -2.03 27.32 15.87
C ARG A 118 -2.70 28.56 16.43
N GLY A 119 -2.24 28.99 17.60
CA GLY A 119 -2.84 30.10 18.30
C GLY A 119 -2.38 31.45 17.78
N GLN A 120 -2.91 32.50 18.42
CA GLN A 120 -2.56 33.86 18.04
C GLN A 120 -1.18 34.26 18.58
N GLY A 121 -0.81 33.78 19.76
CA GLY A 121 0.47 34.07 20.35
C GLY A 121 0.40 35.10 21.46
N THR A 122 1.39 35.02 22.36
CA THR A 122 1.55 35.99 23.45
C THR A 122 2.97 36.52 23.44
N GLN A 123 3.14 37.76 23.87
CA GLN A 123 4.43 38.43 23.84
C GLN A 123 5.14 38.28 25.18
N VAL A 124 6.39 37.83 25.13
CA VAL A 124 7.25 37.71 26.30
C VAL A 124 8.48 38.56 26.05
N THR A 125 8.75 39.50 26.95
CA THR A 125 9.90 40.40 26.83
C THR A 125 10.68 40.39 28.14
N VAL A 126 12.00 40.25 28.03
CA VAL A 126 12.86 40.24 29.20
C VAL A 126 14.01 41.24 29.02
N ASN B 22 -19.68 -8.73 -34.40
CA ASN B 22 -18.84 -7.99 -35.32
C ASN B 22 -17.90 -7.05 -34.58
N GLU B 23 -18.46 -6.28 -33.64
CA GLU B 23 -17.64 -5.37 -32.84
C GLU B 23 -16.82 -6.12 -31.79
N GLU B 24 -17.24 -7.33 -31.41
CA GLU B 24 -16.50 -8.07 -30.40
C GLU B 24 -15.10 -8.44 -30.87
N LYS B 25 -14.97 -8.82 -32.15
CA LYS B 25 -13.65 -9.18 -32.67
C LYS B 25 -12.70 -8.00 -32.66
N ALA B 26 -13.17 -6.83 -33.12
CA ALA B 26 -12.34 -5.64 -33.10
C ALA B 26 -11.97 -5.23 -31.68
N GLN B 27 -12.94 -5.33 -30.77
CA GLN B 27 -12.68 -5.01 -29.37
C GLN B 27 -11.61 -5.94 -28.79
N ARG B 28 -11.69 -7.23 -29.09
CA ARG B 28 -10.70 -8.18 -28.60
C ARG B 28 -9.32 -7.91 -29.21
N GLU B 29 -9.27 -7.57 -30.49
CA GLU B 29 -7.97 -7.26 -31.10
C GLU B 29 -7.33 -6.03 -30.46
N ALA B 30 -8.13 -4.98 -30.24
CA ALA B 30 -7.61 -3.79 -29.57
C ALA B 30 -7.14 -4.11 -28.16
N ASN B 31 -7.91 -4.93 -27.43
CA ASN B 31 -7.50 -5.33 -26.09
C ASN B 31 -6.18 -6.09 -26.12
N LYS B 32 -6.01 -6.99 -27.09
CA LYS B 32 -4.76 -7.75 -27.18
C LYS B 32 -3.57 -6.84 -27.46
N LYS B 33 -3.74 -5.87 -28.36
CA LYS B 33 -2.66 -4.93 -28.63
C LYS B 33 -2.29 -4.15 -27.38
N ILE B 34 -3.30 -3.68 -26.64
CA ILE B 34 -3.04 -2.92 -25.43
C ILE B 34 -2.35 -3.79 -24.38
N GLU B 35 -2.74 -5.05 -24.28
CA GLU B 35 -2.09 -5.96 -23.34
C GLU B 35 -0.61 -6.16 -23.68
N LYS B 36 -0.30 -6.31 -24.96
CA LYS B 36 1.11 -6.47 -25.34
C LYS B 36 1.92 -5.22 -24.98
N GLN B 37 1.38 -4.04 -25.29
CA GLN B 37 2.08 -2.80 -24.95
C GLN B 37 2.27 -2.68 -23.43
N LEU B 38 1.24 -3.04 -22.66
CA LEU B 38 1.34 -2.98 -21.21
C LEU B 38 2.38 -3.95 -20.68
N GLN B 39 2.51 -5.12 -21.30
CA GLN B 39 3.54 -6.07 -20.86
C GLN B 39 4.94 -5.51 -21.09
N LYS B 40 5.16 -4.89 -22.25
CA LYS B 40 6.47 -4.27 -22.49
C LYS B 40 6.75 -3.16 -21.48
N ASP B 41 5.74 -2.33 -21.20
CA ASP B 41 5.90 -1.28 -20.20
C ASP B 41 6.16 -1.86 -18.82
N LYS B 42 5.53 -2.99 -18.50
CA LYS B 42 5.77 -3.66 -17.22
C LYS B 42 7.22 -4.08 -17.08
N GLN B 43 7.79 -4.67 -18.13
CA GLN B 43 9.20 -5.05 -18.07
C GLN B 43 10.08 -3.83 -17.84
N VAL B 44 9.85 -2.76 -18.61
CA VAL B 44 10.68 -1.56 -18.47
C VAL B 44 10.53 -0.96 -17.08
N TYR B 45 9.31 -1.00 -16.52
CA TYR B 45 9.07 -0.40 -15.21
C TYR B 45 9.71 -1.22 -14.10
N ARG B 46 9.63 -2.55 -14.18
CA ARG B 46 10.27 -3.39 -13.18
C ARG B 46 11.79 -3.32 -13.25
N ALA B 47 12.34 -2.94 -14.40
CA ALA B 47 13.81 -2.90 -14.52
C ALA B 47 14.45 -1.91 -13.56
N THR B 48 13.87 -0.72 -13.41
CA THR B 48 14.54 0.40 -12.74
C THR B 48 14.10 0.55 -11.29
N HIS B 49 14.88 1.34 -10.54
CA HIS B 49 14.68 1.60 -9.13
C HIS B 49 14.45 3.10 -8.90
N ARG B 50 13.60 3.42 -7.93
CA ARG B 50 13.20 4.79 -7.66
C ARG B 50 13.69 5.23 -6.28
N LEU B 51 14.18 6.46 -6.21
CA LEU B 51 14.70 7.04 -4.99
C LEU B 51 14.13 8.44 -4.81
N LEU B 52 14.04 8.89 -3.56
CA LEU B 52 13.52 10.22 -3.24
C LEU B 52 14.62 11.01 -2.54
N LEU B 53 15.00 12.15 -3.12
CA LEU B 53 16.03 13.00 -2.55
C LEU B 53 15.36 14.06 -1.68
N LEU B 54 15.72 14.07 -0.40
CA LEU B 54 15.08 14.95 0.58
C LEU B 54 16.14 15.65 1.40
N GLY B 55 15.80 16.84 1.89
CA GLY B 55 16.74 17.63 2.65
C GLY B 55 16.25 19.06 2.76
N ALA B 56 17.19 19.96 3.07
CA ALA B 56 16.92 21.37 3.27
C ALA B 56 17.73 22.21 2.30
N ASP B 57 17.48 23.52 2.32
CA ASP B 57 18.17 24.43 1.42
C ASP B 57 19.64 24.57 1.78
N ASN B 58 19.97 24.58 3.07
CA ASN B 58 21.36 24.72 3.49
C ASN B 58 22.19 23.52 3.05
N SER B 59 21.62 22.32 3.13
CA SER B 59 22.34 21.12 2.71
C SER B 59 22.60 21.16 1.21
N GLY B 60 23.77 20.67 0.82
CA GLY B 60 24.15 20.68 -0.58
C GLY B 60 23.64 19.50 -1.36
N LYS B 61 22.34 19.20 -1.24
CA LYS B 61 21.78 18.08 -1.98
C LYS B 61 21.77 18.34 -3.49
N SER B 62 21.61 19.61 -3.90
CA SER B 62 21.70 19.94 -5.31
C SER B 62 23.11 19.65 -5.84
N THR B 63 24.13 20.01 -5.08
CA THR B 63 25.50 19.68 -5.48
C THR B 63 25.71 18.17 -5.53
N ILE B 64 25.13 17.44 -4.58
CA ILE B 64 25.24 15.99 -4.59
C ILE B 64 24.64 15.43 -5.88
N VAL B 65 23.40 15.82 -6.19
CA VAL B 65 22.73 15.27 -7.35
C VAL B 65 23.42 15.72 -8.64
N LYS B 66 24.08 16.88 -8.62
CA LYS B 66 24.84 17.30 -9.79
C LYS B 66 26.14 16.53 -9.93
N GLN B 67 26.68 16.01 -8.82
CA GLN B 67 27.95 15.29 -8.89
C GLN B 67 27.83 14.03 -9.75
N MET B 68 26.76 13.26 -9.60
CA MET B 68 26.51 12.12 -10.47
C MET B 68 25.48 12.40 -11.55
N ARG B 69 25.16 13.66 -11.80
CA ARG B 69 24.25 14.01 -12.88
C ARG B 69 24.88 13.72 -14.24
N GLY B 83 10.04 22.71 -10.84
CA GLY B 83 9.34 21.45 -10.68
C GLY B 83 10.24 20.32 -10.22
N ILE B 84 9.80 19.08 -10.44
CA ILE B 84 10.58 17.92 -10.03
C ILE B 84 11.84 17.83 -10.88
N PHE B 85 12.98 17.61 -10.22
CA PHE B 85 14.27 17.50 -10.90
C PHE B 85 14.67 16.02 -10.92
N GLU B 86 14.30 15.34 -12.01
CA GLU B 86 14.68 13.94 -12.16
C GLU B 86 16.15 13.83 -12.52
N THR B 87 16.76 12.72 -12.10
CA THR B 87 18.15 12.43 -12.39
C THR B 87 18.32 10.93 -12.51
N LYS B 88 18.82 10.47 -13.66
CA LYS B 88 19.00 9.05 -13.92
C LYS B 88 20.49 8.75 -14.00
N PHE B 89 20.94 7.81 -13.18
CA PHE B 89 22.32 7.34 -13.21
C PHE B 89 22.32 5.81 -13.18
N GLN B 90 23.36 5.23 -13.76
CA GLN B 90 23.48 3.79 -13.89
C GLN B 90 24.82 3.33 -13.34
N VAL B 91 24.78 2.38 -12.41
CA VAL B 91 25.99 1.81 -11.83
C VAL B 91 25.89 0.28 -11.92
N ASP B 92 26.95 -0.35 -12.43
CA ASP B 92 27.01 -1.80 -12.62
C ASP B 92 25.83 -2.29 -13.45
N LYS B 93 25.49 -1.53 -14.49
CA LYS B 93 24.43 -1.88 -15.44
C LYS B 93 23.06 -2.01 -14.75
N VAL B 94 22.86 -1.26 -13.66
CA VAL B 94 21.57 -1.18 -12.97
C VAL B 94 21.13 0.27 -12.99
N ASN B 95 19.88 0.50 -13.39
CA ASN B 95 19.37 1.85 -13.59
C ASN B 95 18.71 2.37 -12.32
N PHE B 96 19.07 3.58 -11.92
CA PHE B 96 18.52 4.24 -10.76
C PHE B 96 17.86 5.56 -11.18
N HIS B 97 16.79 5.93 -10.49
CA HIS B 97 16.02 7.12 -10.78
C HIS B 97 15.80 7.92 -9.49
N MET B 98 16.12 9.21 -9.52
CA MET B 98 16.06 10.05 -8.34
C MET B 98 15.23 11.28 -8.60
N PHE B 99 14.33 11.59 -7.67
CA PHE B 99 13.42 12.73 -7.79
C PHE B 99 13.67 13.72 -6.67
N ASP B 100 13.69 15.01 -7.01
CA ASP B 100 13.87 16.10 -6.03
C ASP B 100 12.79 17.14 -6.28
N VAL B 101 11.64 16.96 -5.65
CA VAL B 101 10.52 17.87 -5.85
C VAL B 101 10.78 19.18 -5.12
N GLY B 102 10.56 20.30 -5.80
CA GLY B 102 10.85 21.59 -5.22
C GLY B 102 9.90 22.70 -5.61
N GLY B 103 8.82 22.36 -6.30
CA GLY B 103 7.85 23.35 -6.73
C GLY B 103 6.66 23.55 -5.82
N GLN B 104 6.68 22.96 -4.63
CA GLN B 104 5.54 22.95 -3.74
C GLN B 104 5.70 24.00 -2.64
N ARG B 105 4.78 23.97 -1.67
CA ARG B 105 4.77 24.91 -0.56
C ARG B 105 5.44 24.29 0.66
N ASP B 106 5.33 24.97 1.81
CA ASP B 106 6.00 24.51 3.02
C ASP B 106 5.31 23.30 3.64
N GLU B 107 4.00 23.17 3.48
CA GLU B 107 3.26 22.08 4.09
C GLU B 107 3.36 20.83 3.20
N ARG B 108 4.00 19.79 3.72
CA ARG B 108 4.30 18.60 2.93
C ARG B 108 3.66 17.32 3.48
N ARG B 109 2.68 17.43 4.37
CA ARG B 109 2.09 16.26 4.97
C ARG B 109 1.08 15.56 4.07
N LYS B 110 0.74 16.15 2.92
CA LYS B 110 -0.26 15.57 2.02
C LYS B 110 0.33 14.98 0.76
N TRP B 111 1.30 15.63 0.13
CA TRP B 111 1.91 15.08 -1.08
C TRP B 111 3.05 14.11 -0.77
N ILE B 112 3.42 13.95 0.50
CA ILE B 112 4.48 13.00 0.84
C ILE B 112 3.99 11.56 0.70
N GLN B 113 2.68 11.34 0.62
CA GLN B 113 2.12 10.00 0.54
C GLN B 113 2.26 9.39 -0.84
N CYS B 114 2.67 10.17 -1.84
CA CYS B 114 2.88 9.62 -3.18
C CYS B 114 4.18 8.81 -3.27
N PHE B 115 5.07 8.96 -2.30
CA PHE B 115 6.40 8.36 -2.33
C PHE B 115 6.55 7.26 -1.30
N ASN B 116 5.52 6.45 -1.10
CA ASN B 116 5.58 5.35 -0.15
C ASN B 116 5.96 4.02 -0.78
N ASP B 117 6.22 3.99 -2.09
CA ASP B 117 6.62 2.77 -2.78
C ASP B 117 8.05 2.86 -3.32
N VAL B 118 8.82 3.87 -2.90
CA VAL B 118 10.19 4.01 -3.37
C VAL B 118 11.08 2.98 -2.68
N THR B 119 12.25 2.76 -3.26
CA THR B 119 13.20 1.82 -2.67
C THR B 119 13.79 2.37 -1.37
N ALA B 120 14.20 3.64 -1.38
CA ALA B 120 14.83 4.25 -0.22
C ALA B 120 14.65 5.76 -0.31
N ILE B 121 14.88 6.42 0.83
CA ILE B 121 14.84 7.87 0.93
C ILE B 121 16.24 8.37 1.24
N ILE B 122 16.72 9.31 0.44
CA ILE B 122 18.03 9.92 0.66
C ILE B 122 17.84 11.15 1.53
N PHE B 123 18.50 11.19 2.67
CA PHE B 123 18.42 12.30 3.61
C PHE B 123 19.78 12.99 3.68
N VAL B 124 19.80 14.29 3.44
CA VAL B 124 21.04 15.07 3.41
C VAL B 124 20.99 16.10 4.53
N VAL B 125 22.05 16.14 5.33
CA VAL B 125 22.13 17.03 6.49
C VAL B 125 23.45 17.80 6.41
N ASP B 126 23.38 19.10 6.64
CA ASP B 126 24.58 19.93 6.79
C ASP B 126 24.97 19.90 8.26
N SER B 127 25.98 19.09 8.58
CA SER B 127 26.37 18.86 9.96
C SER B 127 27.10 20.03 10.60
N SER B 128 27.50 21.04 9.81
CA SER B 128 28.26 22.16 10.33
C SER B 128 27.40 23.25 10.93
N ASP B 129 26.08 23.20 10.74
CA ASP B 129 25.17 24.25 11.20
C ASP B 129 24.42 23.72 12.42
N TYR B 130 24.86 24.14 13.61
CA TYR B 130 24.27 23.63 14.84
C TYR B 130 22.91 24.23 15.11
N ASN B 131 22.64 25.43 14.60
CA ASN B 131 21.38 26.10 14.90
C ASN B 131 20.19 25.33 14.32
N ARG B 132 20.34 24.77 13.12
CA ARG B 132 19.25 24.10 12.43
C ARG B 132 19.42 22.59 12.38
N LEU B 133 20.17 22.02 13.31
CA LEU B 133 20.30 20.56 13.38
C LEU B 133 19.06 19.92 14.04
N GLN B 134 18.47 20.60 15.01
CA GLN B 134 17.26 20.07 15.64
C GLN B 134 16.10 20.01 14.65
N GLU B 135 16.04 20.94 13.69
CA GLU B 135 15.02 20.86 12.65
C GLU B 135 15.20 19.59 11.82
N ALA B 136 16.45 19.24 11.49
CA ALA B 136 16.71 18.00 10.78
C ALA B 136 16.31 16.80 11.63
N LEU B 137 16.59 16.83 12.93
CA LEU B 137 16.20 15.73 13.80
C LEU B 137 14.69 15.56 13.85
N ASN B 138 13.96 16.67 13.94
CA ASN B 138 12.50 16.60 13.97
C ASN B 138 11.94 16.07 12.66
N LEU B 139 12.49 16.52 11.52
CA LEU B 139 12.04 16.02 10.24
C LEU B 139 12.32 14.52 10.09
N PHE B 140 13.50 14.08 10.54
CA PHE B 140 13.83 12.66 10.49
C PHE B 140 12.86 11.84 11.34
N LYS B 141 12.53 12.33 12.55
CA LYS B 141 11.59 11.60 13.38
C LYS B 141 10.21 11.53 12.74
N SER B 142 9.76 12.64 12.14
CA SER B 142 8.45 12.66 11.48
C SER B 142 8.41 11.68 10.32
N ILE B 143 9.48 11.62 9.53
CA ILE B 143 9.52 10.67 8.42
C ILE B 143 9.57 9.23 8.93
N TRP B 144 10.37 8.98 9.96
CA TRP B 144 10.55 7.63 10.47
C TRP B 144 9.25 7.08 11.06
N ASN B 145 8.49 7.93 11.75
CA ASN B 145 7.32 7.48 12.49
C ASN B 145 6.01 7.62 11.71
N ASN B 146 6.08 7.91 10.42
CA ASN B 146 4.86 8.07 9.64
C ASN B 146 4.19 6.72 9.41
N ARG B 147 2.88 6.76 9.14
CA ARG B 147 2.11 5.54 8.95
C ARG B 147 2.39 4.91 7.59
N TRP B 148 2.49 5.72 6.54
CA TRP B 148 2.73 5.22 5.20
C TRP B 148 4.19 5.14 4.83
N LEU B 149 5.08 5.68 5.66
CA LEU B 149 6.53 5.61 5.44
C LEU B 149 7.22 4.74 6.47
N ARG B 150 6.50 3.82 7.09
CA ARG B 150 7.03 2.96 8.14
C ARG B 150 7.63 1.67 7.58
N THR B 151 7.72 1.54 6.27
CA THR B 151 8.36 0.38 5.64
C THR B 151 9.47 0.78 4.68
N ILE B 152 9.81 2.07 4.62
CA ILE B 152 10.83 2.59 3.70
C ILE B 152 12.10 2.84 4.49
N SER B 153 13.22 2.31 3.99
CA SER B 153 14.50 2.54 4.60
C SER B 153 15.04 3.91 4.20
N VAL B 154 15.92 4.45 5.03
CA VAL B 154 16.46 5.79 4.84
C VAL B 154 17.97 5.69 4.76
N ILE B 155 18.55 6.35 3.75
CA ILE B 155 20.00 6.47 3.60
C ILE B 155 20.37 7.88 4.05
N LEU B 156 21.23 7.98 5.06
CA LEU B 156 21.55 9.24 5.69
C LEU B 156 22.93 9.72 5.26
N PHE B 157 23.01 10.94 4.75
CA PHE B 157 24.27 11.55 4.35
C PHE B 157 24.52 12.76 5.23
N LEU B 158 25.67 12.76 5.91
CA LEU B 158 26.05 13.85 6.80
C LEU B 158 27.08 14.70 6.06
N ASN B 159 26.60 15.70 5.34
CA ASN B 159 27.41 16.46 4.40
C ASN B 159 28.20 17.55 5.13
N LYS B 160 29.05 18.25 4.37
CA LYS B 160 29.83 19.39 4.86
C LYS B 160 30.71 19.00 6.04
N GLN B 161 31.65 18.09 5.77
CA GLN B 161 32.56 17.63 6.81
C GLN B 161 33.73 18.58 7.00
N ASP B 162 34.21 19.20 5.91
CA ASP B 162 35.34 20.12 6.00
C ASP B 162 35.00 21.34 6.85
N LEU B 163 33.80 21.89 6.65
CA LEU B 163 33.38 23.04 7.45
C LEU B 163 33.26 22.66 8.93
N LEU B 164 32.73 21.47 9.22
CA LEU B 164 32.65 21.02 10.61
C LEU B 164 34.04 20.89 11.22
N ALA B 165 34.99 20.31 10.47
CA ALA B 165 36.35 20.16 10.99
C ALA B 165 36.99 21.51 11.27
N GLU B 166 36.83 22.46 10.34
CA GLU B 166 37.40 23.79 10.53
C GLU B 166 36.77 24.48 11.74
N LYS B 167 35.46 24.36 11.90
CA LYS B 167 34.78 24.99 13.02
C LYS B 167 35.22 24.38 14.35
N VAL B 168 35.36 23.04 14.39
CA VAL B 168 35.78 22.39 15.63
C VAL B 168 37.21 22.80 15.99
N LEU B 169 38.11 22.81 15.01
CA LEU B 169 39.48 23.19 15.30
C LEU B 169 39.60 24.66 15.71
N ALA B 170 38.85 25.55 15.06
CA ALA B 170 38.93 26.97 15.38
C ALA B 170 38.34 27.29 16.75
N GLY B 171 37.55 26.39 17.37
CA GLY B 171 37.27 26.40 18.84
C GLY B 171 36.66 27.73 19.30
N LYS B 172 35.76 28.27 18.48
CA LYS B 172 35.06 29.52 18.79
C LYS B 172 33.60 29.31 19.09
N SER B 173 32.87 28.61 18.23
CA SER B 173 31.46 28.29 18.47
C SER B 173 31.36 26.88 19.04
N LYS B 174 30.87 26.78 20.26
CA LYS B 174 30.82 25.50 20.96
C LYS B 174 29.53 24.75 20.66
N ILE B 175 29.59 23.43 20.80
CA ILE B 175 28.43 22.58 20.59
C ILE B 175 27.73 22.24 21.90
N GLU B 176 28.41 22.35 23.03
CA GLU B 176 27.83 21.94 24.31
C GLU B 176 26.65 22.82 24.70
N ASP B 177 26.66 24.10 24.32
CA ASP B 177 25.55 24.98 24.67
C ASP B 177 24.30 24.71 23.83
N TYR B 178 24.45 24.27 22.58
CA TYR B 178 23.28 23.83 21.82
C TYR B 178 22.77 22.48 22.33
N PHE B 179 23.67 21.53 22.57
CA PHE B 179 23.29 20.20 23.07
C PHE B 179 23.98 19.98 24.41
N PRO B 180 23.28 20.17 25.54
CA PRO B 180 23.93 20.00 26.85
C PRO B 180 24.40 18.59 27.13
N GLU B 181 23.87 17.58 26.42
CA GLU B 181 24.28 16.20 26.64
C GLU B 181 25.67 15.89 26.11
N PHE B 182 26.29 16.82 25.37
CA PHE B 182 27.63 16.60 24.85
C PHE B 182 28.70 16.59 25.93
N ALA B 183 28.37 17.03 27.14
CA ALA B 183 29.35 17.11 28.22
C ALA B 183 29.63 15.77 28.89
N ARG B 184 28.86 14.74 28.57
CA ARG B 184 29.05 13.41 29.15
C ARG B 184 29.04 12.35 28.05
N TYR B 185 29.77 12.63 26.97
CA TYR B 185 29.84 11.73 25.82
C TYR B 185 31.29 11.38 25.53
N THR B 186 31.55 10.11 25.24
CA THR B 186 32.87 9.64 24.87
C THR B 186 32.78 8.87 23.55
N THR B 187 33.82 9.01 22.73
CA THR B 187 33.83 8.35 21.43
C THR B 187 33.84 6.84 21.59
N PRO B 188 32.95 6.10 20.90
CA PRO B 188 32.91 4.64 21.01
C PRO B 188 34.12 3.95 20.39
N PRO B 195 38.91 13.95 11.90
CA PRO B 195 39.41 12.87 12.78
C PRO B 195 40.91 12.91 12.97
N GLY B 196 41.66 12.95 11.87
CA GLY B 196 43.10 13.02 11.95
C GLY B 196 43.59 14.29 12.60
N GLU B 197 42.84 15.38 12.45
CA GLU B 197 43.24 16.65 13.05
C GLU B 197 43.28 16.57 14.57
N ASP B 198 42.28 15.93 15.17
CA ASP B 198 42.18 15.80 16.62
C ASP B 198 41.07 14.81 16.94
N PRO B 199 41.10 14.19 18.13
CA PRO B 199 39.97 13.34 18.54
C PRO B 199 38.67 14.11 18.71
N ARG B 200 38.73 15.43 18.86
CA ARG B 200 37.51 16.22 19.03
C ARG B 200 36.63 16.16 17.80
N VAL B 201 37.23 16.18 16.60
CA VAL B 201 36.45 16.08 15.38
C VAL B 201 35.73 14.74 15.30
N THR B 202 36.43 13.65 15.63
CA THR B 202 35.79 12.34 15.66
C THR B 202 34.66 12.32 16.67
N ARG B 203 34.88 12.91 17.84
CA ARG B 203 33.85 12.93 18.87
C ARG B 203 32.61 13.66 18.38
N ALA B 204 32.77 14.81 17.72
CA ALA B 204 31.62 15.57 17.24
C ALA B 204 30.89 14.81 16.14
N LYS B 205 31.63 14.26 15.17
CA LYS B 205 31.02 13.51 14.08
C LYS B 205 30.18 12.36 14.62
N TYR B 206 30.76 11.56 15.52
CA TYR B 206 30.05 10.40 16.02
C TYR B 206 28.96 10.78 17.01
N PHE B 207 29.06 11.94 17.67
CA PHE B 207 27.95 12.40 18.49
C PHE B 207 26.73 12.71 17.63
N ILE B 208 26.92 13.43 16.54
CA ILE B 208 25.79 13.74 15.66
C ILE B 208 25.22 12.46 15.04
N ARG B 209 26.10 11.59 14.56
CA ARG B 209 25.64 10.33 14.00
C ARG B 209 24.88 9.50 15.03
N ASP B 210 25.32 9.53 16.28
CA ASP B 210 24.65 8.77 17.34
C ASP B 210 23.31 9.37 17.69
N GLU B 211 23.17 10.69 17.64
CA GLU B 211 21.86 11.31 17.81
C GLU B 211 20.88 10.77 16.77
N PHE B 212 21.29 10.80 15.49
CA PHE B 212 20.41 10.32 14.44
C PHE B 212 20.11 8.83 14.60
N LEU B 213 21.11 8.03 14.95
CA LEU B 213 20.91 6.59 15.11
C LEU B 213 20.03 6.27 16.31
N ARG B 214 20.12 7.05 17.38
CA ARG B 214 19.24 6.84 18.52
C ARG B 214 17.79 7.12 18.15
N ILE B 215 17.55 8.20 17.41
CA ILE B 215 16.18 8.45 16.92
C ILE B 215 15.73 7.31 16.01
N SER B 216 16.65 6.78 15.20
CA SER B 216 16.31 5.70 14.29
C SER B 216 15.90 4.42 15.04
N THR B 217 16.74 3.99 15.98
CA THR B 217 16.56 2.71 16.65
C THR B 217 15.66 2.78 17.87
N ALA B 218 15.19 3.97 18.25
CA ALA B 218 14.30 4.07 19.40
C ALA B 218 13.04 3.24 19.21
N SER B 219 12.26 3.57 18.18
CA SER B 219 11.01 2.86 17.90
C SER B 219 11.00 2.41 16.45
N GLY B 220 10.71 1.12 16.23
CA GLY B 220 11.06 0.41 14.98
C GLY B 220 10.41 -0.97 15.02
N ASP B 221 10.13 -1.51 13.83
CA ASP B 221 9.53 -2.82 13.69
C ASP B 221 10.45 -3.81 12.99
N GLY B 222 11.74 -3.49 12.89
CA GLY B 222 12.73 -4.32 12.20
C GLY B 222 12.35 -4.55 10.74
N ARG B 223 11.55 -3.64 10.17
CA ARG B 223 11.18 -3.71 8.77
C ARG B 223 11.92 -2.70 7.91
N HIS B 224 12.68 -1.79 8.52
CA HIS B 224 13.45 -0.80 7.80
C HIS B 224 14.59 -0.30 8.68
N TYR B 225 15.69 0.05 8.05
CA TYR B 225 16.94 0.41 8.73
C TYR B 225 17.36 1.83 8.35
N CYS B 226 18.54 2.21 8.83
CA CYS B 226 19.16 3.49 8.48
C CYS B 226 20.63 3.25 8.20
N TYR B 227 21.15 3.85 7.13
CA TYR B 227 22.52 3.65 6.68
C TYR B 227 23.25 4.99 6.70
N PRO B 228 23.95 5.31 7.78
CA PRO B 228 24.60 6.62 7.87
C PRO B 228 25.97 6.62 7.20
N HIS B 229 26.24 7.70 6.46
CA HIS B 229 27.51 7.87 5.74
C HIS B 229 28.06 9.26 5.99
N PHE B 230 29.38 9.36 5.96
CA PHE B 230 30.09 10.63 6.13
C PHE B 230 30.59 11.08 4.76
N THR B 231 29.90 12.03 4.15
CA THR B 231 30.27 12.54 2.84
C THR B 231 30.66 14.00 2.94
N CYS B 232 31.61 14.40 2.10
CA CYS B 232 32.09 15.78 2.03
C CYS B 232 31.58 16.44 0.76
N ALA B 233 32.00 17.68 0.55
CA ALA B 233 31.52 18.44 -0.59
C ALA B 233 31.94 17.81 -1.91
N VAL B 234 33.17 17.32 -1.99
CA VAL B 234 33.72 16.73 -3.20
C VAL B 234 33.99 15.26 -2.92
N ASP B 235 33.14 14.38 -3.45
CA ASP B 235 33.32 12.94 -3.31
C ASP B 235 32.75 12.25 -4.53
N THR B 236 33.26 11.05 -4.80
CA THR B 236 32.86 10.30 -5.99
C THR B 236 32.39 8.88 -5.67
N GLU B 237 32.10 8.57 -4.41
CA GLU B 237 31.67 7.24 -4.01
C GLU B 237 30.19 7.18 -3.63
N ASN B 238 29.45 8.27 -3.85
CA ASN B 238 28.05 8.29 -3.46
C ASN B 238 27.22 7.29 -4.27
N ALA B 239 27.52 7.16 -5.57
CA ALA B 239 26.80 6.20 -6.39
C ALA B 239 27.04 4.77 -5.91
N ARG B 240 28.29 4.44 -5.58
CA ARG B 240 28.59 3.10 -5.07
C ARG B 240 27.92 2.86 -3.72
N ARG B 241 27.91 3.86 -2.85
CA ARG B 241 27.25 3.71 -1.56
C ARG B 241 25.76 3.47 -1.72
N ILE B 242 25.10 4.23 -2.61
CA ILE B 242 23.69 4.04 -2.87
C ILE B 242 23.44 2.65 -3.46
N PHE B 243 24.31 2.20 -4.37
CA PHE B 243 24.16 0.88 -4.95
C PHE B 243 24.23 -0.20 -3.87
N ASN B 244 25.23 -0.13 -3.01
CA ASN B 244 25.39 -1.15 -1.96
C ASN B 244 24.21 -1.15 -1.01
N ASP B 245 23.76 0.04 -0.59
CA ASP B 245 22.65 0.11 0.36
C ASP B 245 21.36 -0.40 -0.26
N CYS B 246 21.09 -0.05 -1.52
CA CYS B 246 19.89 -0.54 -2.18
C CYS B 246 19.95 -2.05 -2.38
N ARG B 247 21.13 -2.59 -2.69
CA ARG B 247 21.27 -4.03 -2.82
C ARG B 247 20.98 -4.72 -1.50
N ASP B 248 21.48 -4.18 -0.39
CA ASP B 248 21.19 -4.75 0.91
C ASP B 248 19.70 -4.71 1.22
N ILE B 249 19.05 -3.58 0.93
CA ILE B 249 17.61 -3.44 1.20
C ILE B 249 16.81 -4.47 0.41
N ILE B 250 17.13 -4.62 -0.87
CA ILE B 250 16.40 -5.55 -1.73
C ILE B 250 16.64 -6.99 -1.29
N GLN B 251 17.87 -7.32 -0.93
CA GLN B 251 18.17 -8.68 -0.47
C GLN B 251 17.40 -9.00 0.81
N ARG B 252 17.33 -8.03 1.74
CA ARG B 252 16.57 -8.25 2.96
C ARG B 252 15.08 -8.45 2.66
N MET B 253 14.55 -7.68 1.71
CA MET B 253 13.16 -7.86 1.29
C MET B 253 12.92 -9.25 0.73
N HIS B 254 13.84 -9.73 -0.12
CA HIS B 254 13.66 -11.06 -0.72
C HIS B 254 13.80 -12.15 0.33
N LEU B 255 14.71 -12.00 1.28
CA LEU B 255 14.82 -12.96 2.37
C LEU B 255 13.54 -13.03 3.18
N ARG B 256 12.95 -11.87 3.47
CA ARG B 256 11.67 -11.87 4.17
C ARG B 256 10.57 -12.52 3.34
N GLN B 257 10.57 -12.27 2.03
CA GLN B 257 9.54 -12.84 1.16
C GLN B 257 9.64 -14.36 1.09
N TYR B 258 10.84 -14.90 1.01
CA TYR B 258 11.04 -16.34 0.88
C TYR B 258 11.03 -17.07 2.23
N GLU B 259 10.50 -16.43 3.27
CA GLU B 259 10.33 -17.01 4.60
C GLU B 259 11.64 -17.37 5.29
N LEU B 260 12.77 -16.86 4.80
CA LEU B 260 14.04 -17.10 5.45
C LEU B 260 14.34 -16.10 6.57
N LEU B 261 13.49 -15.09 6.75
CA LEU B 261 13.74 -14.05 7.74
C LEU B 261 12.47 -13.76 8.54
N GLU C 33 -5.93 49.70 13.61
CA GLU C 33 -5.45 48.82 14.67
C GLU C 33 -5.92 47.38 14.42
N LEU C 34 -5.01 46.43 14.61
CA LEU C 34 -5.35 45.03 14.41
C LEU C 34 -6.19 44.47 15.55
N ASP C 35 -5.98 44.96 16.78
CA ASP C 35 -6.72 44.43 17.91
C ASP C 35 -8.22 44.70 17.80
N GLN C 36 -8.58 45.92 17.40
CA GLN C 36 -10.01 46.24 17.25
C GLN C 36 -10.64 45.45 16.12
N LEU C 37 -9.90 45.24 15.02
CA LEU C 37 -10.41 44.43 13.92
C LEU C 37 -10.63 42.98 14.37
N ARG C 38 -9.69 42.44 15.15
CA ARG C 38 -9.85 41.08 15.65
C ARG C 38 -11.03 40.97 16.60
N GLN C 39 -11.22 41.97 17.47
CA GLN C 39 -12.36 41.96 18.37
C GLN C 39 -13.68 42.03 17.59
N GLU C 40 -13.73 42.87 16.56
CA GLU C 40 -14.93 42.94 15.73
C GLU C 40 -15.19 41.61 15.02
N ALA C 41 -14.12 40.98 14.51
CA ALA C 41 -14.29 39.70 13.82
C ALA C 41 -14.84 38.63 14.76
N GLU C 42 -14.31 38.57 15.99
CA GLU C 42 -14.85 37.58 16.93
C GLU C 42 -16.26 37.94 17.36
N GLN C 43 -16.60 39.23 17.39
CA GLN C 43 -17.97 39.63 17.69
C GLN C 43 -18.94 39.14 16.62
N LEU C 44 -18.58 39.32 15.34
CA LEU C 44 -19.41 38.78 14.27
C LEU C 44 -19.47 37.26 14.29
N LYS C 45 -18.36 36.60 14.65
CA LYS C 45 -18.40 35.14 14.77
C LYS C 45 -19.36 34.70 15.86
N ASN C 46 -19.35 35.38 17.01
CA ASN C 46 -20.31 35.07 18.07
C ASN C 46 -21.74 35.33 17.63
N GLN C 47 -21.96 36.42 16.88
CA GLN C 47 -23.30 36.71 16.39
C GLN C 47 -23.79 35.63 15.44
N ILE C 48 -22.92 35.18 14.54
CA ILE C 48 -23.29 34.12 13.60
C ILE C 48 -23.60 32.83 14.35
N ARG C 49 -22.78 32.50 15.35
CA ARG C 49 -23.04 31.30 16.15
C ARG C 49 -24.39 31.40 16.87
N ASP C 50 -24.69 32.56 17.44
CA ASP C 50 -25.96 32.74 18.14
C ASP C 50 -27.14 32.63 17.17
N ALA C 51 -27.01 33.21 15.98
CA ALA C 51 -28.08 33.12 14.99
C ALA C 51 -28.30 31.67 14.56
N ARG C 52 -27.21 30.93 14.34
CA ARG C 52 -27.35 29.52 13.99
C ARG C 52 -28.01 28.72 15.11
N LYS C 53 -27.63 29.01 16.36
CA LYS C 53 -28.24 28.32 17.49
C LYS C 53 -29.73 28.63 17.57
N ALA C 54 -30.11 29.89 17.35
CA ALA C 54 -31.52 30.27 17.40
C ALA C 54 -32.32 29.66 16.25
N CYS C 55 -31.68 29.46 15.09
CA CYS C 55 -32.37 28.90 13.94
C CYS C 55 -32.58 27.39 14.03
N ALA C 56 -32.01 26.74 15.05
CA ALA C 56 -32.15 25.30 15.21
C ALA C 56 -33.20 25.00 16.29
N ASP C 57 -34.14 24.13 15.96
CA ASP C 57 -35.20 23.75 16.89
C ASP C 57 -35.33 22.24 17.10
N ALA C 58 -35.04 21.44 16.07
CA ALA C 58 -35.16 19.99 16.16
C ALA C 58 -33.95 19.35 15.50
N THR C 59 -33.83 18.03 15.68
CA THR C 59 -32.73 17.27 15.11
C THR C 59 -33.25 16.30 14.06
N LEU C 60 -32.40 16.04 13.06
CA LEU C 60 -32.79 15.14 11.97
C LEU C 60 -32.97 13.71 12.46
N SER C 61 -32.21 13.30 13.47
CA SER C 61 -32.29 11.91 13.95
C SER C 61 -33.66 11.61 14.54
N GLN C 62 -34.22 12.54 15.31
CA GLN C 62 -35.53 12.29 15.92
C GLN C 62 -36.66 12.37 14.91
N ILE C 63 -36.51 13.18 13.86
CA ILE C 63 -37.55 13.29 12.85
C ILE C 63 -37.67 11.98 12.08
N THR C 64 -36.55 11.32 11.80
CA THR C 64 -36.53 10.07 11.06
C THR C 64 -36.58 8.85 11.97
N ASN C 65 -37.17 8.97 13.15
CA ASN C 65 -37.24 7.86 14.09
C ASN C 65 -38.37 6.89 13.78
N ASN C 66 -39.27 7.23 12.85
CA ASN C 66 -40.44 6.41 12.55
C ASN C 66 -40.35 5.72 11.19
N ILE C 67 -39.19 5.73 10.55
CA ILE C 67 -39.04 5.10 9.24
C ILE C 67 -38.39 3.74 9.41
N ASP C 68 -38.63 2.86 8.43
CA ASP C 68 -38.15 1.49 8.50
C ASP C 68 -36.67 1.40 8.14
N PRO C 69 -35.95 0.47 8.75
CA PRO C 69 -34.54 0.29 8.40
C PRO C 69 -34.37 -0.26 6.99
N VAL C 70 -33.23 0.05 6.38
CA VAL C 70 -32.94 -0.45 5.04
C VAL C 70 -32.69 -1.96 5.08
N GLY C 71 -32.06 -2.45 6.13
CA GLY C 71 -31.73 -3.85 6.26
C GLY C 71 -30.24 -4.10 6.09
N ARG C 72 -29.92 -5.34 5.71
CA ARG C 72 -28.54 -5.71 5.45
C ARG C 72 -28.26 -5.59 3.95
N ILE C 73 -27.35 -4.70 3.60
CA ILE C 73 -27.00 -4.45 2.20
C ILE C 73 -25.78 -5.31 1.86
N GLN C 74 -26.01 -6.39 1.12
CA GLN C 74 -24.96 -7.30 0.69
C GLN C 74 -24.65 -7.06 -0.77
N MET C 75 -23.39 -6.79 -1.08
CA MET C 75 -22.93 -6.57 -2.44
C MET C 75 -21.82 -7.55 -2.78
N ARG C 76 -21.80 -7.98 -4.04
CA ARG C 76 -20.83 -8.94 -4.52
C ARG C 76 -20.04 -8.34 -5.67
N THR C 77 -18.77 -8.70 -5.75
CA THR C 77 -17.91 -8.22 -6.82
C THR C 77 -18.32 -8.88 -8.13
N ARG C 78 -18.74 -8.07 -9.10
CA ARG C 78 -19.15 -8.59 -10.41
C ARG C 78 -18.03 -8.56 -11.44
N ARG C 79 -17.12 -7.60 -11.36
CA ARG C 79 -16.00 -7.50 -12.28
C ARG C 79 -14.74 -7.16 -11.50
N THR C 80 -13.60 -7.54 -12.06
CA THR C 80 -12.29 -7.16 -11.52
C THR C 80 -11.42 -6.71 -12.67
N LEU C 81 -10.98 -5.46 -12.63
CA LEU C 81 -10.25 -4.85 -13.73
C LEU C 81 -8.76 -4.86 -13.41
N ARG C 82 -7.98 -5.56 -14.22
CA ARG C 82 -6.56 -5.73 -14.00
C ARG C 82 -5.77 -5.07 -15.14
N GLY C 83 -4.58 -4.58 -14.81
CA GLY C 83 -3.73 -3.96 -15.81
C GLY C 83 -2.91 -2.80 -15.32
N HIS C 84 -3.28 -2.20 -14.19
CA HIS C 84 -2.54 -1.08 -13.65
C HIS C 84 -1.32 -1.57 -12.88
N LEU C 85 -0.17 -0.95 -13.15
CA LEU C 85 1.08 -1.36 -12.52
C LEU C 85 1.17 -0.93 -11.06
N ALA C 86 0.77 0.30 -10.76
CA ALA C 86 0.95 0.88 -9.43
C ALA C 86 -0.40 1.32 -8.87
N LYS C 87 -0.34 2.00 -7.73
CA LYS C 87 -1.54 2.38 -7.00
C LYS C 87 -2.39 3.38 -7.78
N ILE C 88 -3.70 3.37 -7.50
CA ILE C 88 -4.67 4.19 -8.19
C ILE C 88 -5.15 5.29 -7.25
N TYR C 89 -5.15 6.53 -7.74
CA TYR C 89 -5.72 7.65 -6.99
C TYR C 89 -7.10 8.08 -7.45
N ALA C 90 -7.42 7.97 -8.74
CA ALA C 90 -8.66 8.56 -9.22
C ALA C 90 -9.32 7.68 -10.26
N MET C 91 -10.64 7.80 -10.35
CA MET C 91 -11.43 7.22 -11.43
C MET C 91 -12.67 8.08 -11.62
N HIS C 92 -13.30 7.94 -12.78
CA HIS C 92 -14.51 8.68 -13.08
C HIS C 92 -15.36 7.88 -14.04
N TRP C 93 -16.67 7.86 -13.78
CA TRP C 93 -17.60 7.17 -14.64
C TRP C 93 -17.96 8.03 -15.85
N GLY C 94 -18.46 7.37 -16.89
CA GLY C 94 -19.00 8.09 -18.03
C GLY C 94 -20.48 8.37 -17.88
N THR C 95 -20.98 9.25 -18.74
CA THR C 95 -22.40 9.60 -18.69
C THR C 95 -23.28 8.42 -19.10
N ASP C 96 -22.80 7.58 -20.02
CA ASP C 96 -23.55 6.40 -20.43
C ASP C 96 -23.49 5.27 -19.40
N SER C 97 -22.68 5.40 -18.36
CA SER C 97 -22.57 4.43 -17.28
C SER C 97 -22.03 3.09 -17.76
N ARG C 98 -21.22 3.10 -18.81
CA ARG C 98 -20.55 1.91 -19.30
C ARG C 98 -19.04 2.04 -19.29
N LEU C 99 -18.49 3.15 -19.76
CA LEU C 99 -17.06 3.36 -19.84
C LEU C 99 -16.60 4.23 -18.69
N LEU C 100 -15.42 3.93 -18.16
CA LEU C 100 -14.82 4.71 -17.09
C LEU C 100 -13.33 4.84 -17.33
N VAL C 101 -12.73 5.83 -16.68
CA VAL C 101 -11.31 6.14 -16.82
C VAL C 101 -10.65 6.07 -15.46
N SER C 102 -9.45 5.51 -15.41
CA SER C 102 -8.70 5.38 -14.17
C SER C 102 -7.28 5.88 -14.37
N ALA C 103 -6.72 6.48 -13.32
CA ALA C 103 -5.37 7.02 -13.35
C ALA C 103 -4.51 6.28 -12.34
N SER C 104 -3.23 6.11 -12.69
CA SER C 104 -2.32 5.32 -11.87
C SER C 104 -0.96 6.00 -11.83
N GLN C 105 -0.16 5.63 -10.83
CA GLN C 105 1.11 6.27 -10.55
C GLN C 105 2.25 5.77 -11.42
N ASP C 106 2.06 4.71 -12.21
CA ASP C 106 3.06 4.36 -13.21
C ASP C 106 3.02 5.29 -14.41
N GLY C 107 2.02 6.16 -14.50
CA GLY C 107 1.93 7.13 -15.58
C GLY C 107 1.07 6.67 -16.73
N LYS C 108 -0.13 6.19 -16.43
CA LYS C 108 -1.02 5.64 -17.45
C LYS C 108 -2.46 6.02 -17.16
N LEU C 109 -3.19 6.35 -18.22
CA LEU C 109 -4.64 6.52 -18.18
C LEU C 109 -5.27 5.42 -19.01
N ILE C 110 -6.25 4.72 -18.45
CA ILE C 110 -6.91 3.62 -19.14
C ILE C 110 -8.40 3.85 -19.13
N ILE C 111 -9.03 3.75 -20.30
CA ILE C 111 -10.48 3.80 -20.44
C ILE C 111 -10.99 2.37 -20.57
N TRP C 112 -11.84 1.95 -19.64
CA TRP C 112 -12.31 0.58 -19.55
C TRP C 112 -13.67 0.43 -20.22
N ASP C 113 -14.14 -0.82 -20.27
CA ASP C 113 -15.51 -1.15 -20.67
C ASP C 113 -16.03 -2.12 -19.61
N SER C 114 -16.76 -1.60 -18.63
CA SER C 114 -17.12 -2.39 -17.46
C SER C 114 -18.06 -3.54 -17.78
N TYR C 115 -18.69 -3.55 -18.96
CA TYR C 115 -19.53 -4.67 -19.34
C TYR C 115 -18.71 -5.90 -19.72
N THR C 116 -17.63 -5.70 -20.48
CA THR C 116 -16.82 -6.80 -20.97
C THR C 116 -15.36 -6.76 -20.52
N THR C 117 -14.97 -5.76 -19.72
CA THR C 117 -13.60 -5.62 -19.21
C THR C 117 -12.57 -5.54 -20.33
N ASN C 118 -12.90 -4.87 -21.43
CA ASN C 118 -11.96 -4.63 -22.50
C ASN C 118 -11.40 -3.22 -22.39
N LYS C 119 -10.09 -3.09 -22.55
CA LYS C 119 -9.44 -1.79 -22.50
C LYS C 119 -9.67 -1.09 -23.83
N VAL C 120 -10.50 -0.05 -23.83
CA VAL C 120 -10.73 0.72 -25.05
C VAL C 120 -9.50 1.55 -25.41
N HIS C 121 -8.90 2.21 -24.43
CA HIS C 121 -7.77 3.10 -24.67
C HIS C 121 -6.75 2.95 -23.54
N ALA C 122 -5.52 3.36 -23.83
CA ALA C 122 -4.46 3.45 -22.82
C ALA C 122 -3.58 4.62 -23.22
N ILE C 123 -3.54 5.65 -22.39
CA ILE C 123 -2.85 6.89 -22.68
C ILE C 123 -1.62 6.98 -21.77
N PRO C 124 -0.40 7.00 -22.32
CA PRO C 124 0.78 7.20 -21.48
C PRO C 124 1.00 8.69 -21.20
N LEU C 125 1.23 9.02 -19.93
CA LEU C 125 1.32 10.40 -19.50
C LEU C 125 2.77 10.85 -19.38
N ARG C 126 2.96 12.18 -19.45
CA ARG C 126 4.31 12.73 -19.39
C ARG C 126 4.85 12.70 -17.96
N SER C 127 4.01 13.04 -16.97
CA SER C 127 4.39 13.00 -15.57
C SER C 127 3.70 11.82 -14.89
N SER C 128 4.47 11.06 -14.12
CA SER C 128 3.95 9.86 -13.46
C SER C 128 3.29 10.15 -12.12
N TRP C 129 3.34 11.38 -11.63
CA TRP C 129 2.72 11.73 -10.35
C TRP C 129 1.36 12.39 -10.62
N VAL C 130 0.39 11.53 -10.89
CA VAL C 130 -0.96 11.95 -11.25
C VAL C 130 -1.90 11.69 -10.07
N MET C 131 -2.64 12.72 -9.67
CA MET C 131 -3.51 12.65 -8.51
C MET C 131 -4.99 12.70 -8.84
N THR C 132 -5.36 12.99 -10.09
CA THR C 132 -6.76 13.15 -10.41
C THR C 132 -6.99 12.88 -11.89
N CYS C 133 -8.25 12.64 -12.24
CA CYS C 133 -8.67 12.46 -13.62
C CYS C 133 -10.14 12.84 -13.73
N ALA C 134 -10.56 13.14 -14.96
CA ALA C 134 -11.93 13.56 -15.21
C ALA C 134 -12.38 13.03 -16.56
N TYR C 135 -13.69 12.92 -16.72
CA TYR C 135 -14.31 12.43 -17.94
C TYR C 135 -15.31 13.47 -18.40
N ALA C 136 -15.24 13.84 -19.68
CA ALA C 136 -16.08 14.91 -20.17
C ALA C 136 -17.55 14.47 -20.21
N PRO C 137 -18.49 15.38 -19.92
CA PRO C 137 -19.91 15.01 -19.99
C PRO C 137 -20.34 14.54 -21.37
N SER C 138 -19.74 15.09 -22.43
CA SER C 138 -20.04 14.66 -23.79
C SER C 138 -19.23 13.44 -24.21
N GLY C 139 -18.21 13.06 -23.45
CA GLY C 139 -17.43 11.87 -23.74
C GLY C 139 -16.34 12.04 -24.77
N ASN C 140 -15.96 13.27 -25.10
CA ASN C 140 -14.91 13.51 -26.08
C ASN C 140 -13.55 13.80 -25.47
N TYR C 141 -13.49 14.14 -24.19
CA TYR C 141 -12.25 14.63 -23.58
C TYR C 141 -12.03 13.95 -22.23
N VAL C 142 -10.77 13.91 -21.82
CA VAL C 142 -10.36 13.54 -20.46
C VAL C 142 -9.29 14.51 -20.01
N ALA C 143 -9.12 14.61 -18.70
CA ALA C 143 -8.13 15.50 -18.11
C ALA C 143 -7.44 14.81 -16.95
N CYS C 144 -6.24 15.29 -16.62
CA CYS C 144 -5.47 14.73 -15.51
C CYS C 144 -4.44 15.76 -15.06
N GLY C 145 -4.01 15.62 -13.81
CA GLY C 145 -3.02 16.53 -13.25
C GLY C 145 -2.49 15.98 -11.94
N GLY C 146 -1.41 16.59 -11.47
CA GLY C 146 -0.77 16.14 -10.25
C GLY C 146 0.33 17.06 -9.75
N LEU C 147 1.47 16.47 -9.36
CA LEU C 147 2.58 17.23 -8.82
C LEU C 147 3.24 18.14 -9.84
N ASP C 148 2.91 17.99 -11.13
CA ASP C 148 3.49 18.83 -12.18
C ASP C 148 2.82 20.19 -12.30
N ASN C 149 1.75 20.45 -11.55
CA ASN C 149 1.07 21.74 -11.49
C ASN C 149 0.40 22.12 -12.82
N ILE C 150 0.25 21.16 -13.73
CA ILE C 150 -0.30 21.43 -15.05
C ILE C 150 -1.44 20.45 -15.31
N CYS C 151 -2.58 20.97 -15.77
CA CYS C 151 -3.72 20.17 -16.18
C CYS C 151 -3.70 20.01 -17.69
N SER C 152 -3.84 18.78 -18.17
CA SER C 152 -3.75 18.47 -19.58
C SER C 152 -5.06 17.84 -20.06
N ILE C 153 -5.51 18.29 -21.23
CA ILE C 153 -6.77 17.84 -21.83
C ILE C 153 -6.44 16.96 -23.03
N TYR C 154 -7.06 15.79 -23.10
CA TYR C 154 -6.82 14.83 -24.16
C TYR C 154 -8.05 14.68 -25.05
N ASN C 155 -7.82 14.62 -26.36
CA ASN C 155 -8.89 14.47 -27.34
C ASN C 155 -8.99 13.01 -27.75
N LEU C 156 -10.06 12.35 -27.30
CA LEU C 156 -10.22 10.92 -27.56
C LEU C 156 -10.75 10.62 -28.96
N LYS C 157 -11.34 11.60 -29.64
CA LYS C 157 -11.99 11.35 -30.90
C LYS C 157 -11.38 12.16 -32.03
N THR C 158 -10.05 12.15 -32.13
CA THR C 158 -9.36 12.89 -33.17
C THR C 158 -9.71 12.33 -34.54
N ARG C 159 -9.52 13.17 -35.57
CA ARG C 159 -9.86 12.76 -36.94
C ARG C 159 -9.01 11.58 -37.38
N GLU C 160 -7.71 11.59 -37.05
CA GLU C 160 -6.86 10.46 -37.39
C GLU C 160 -7.28 9.20 -36.63
N GLY C 161 -7.62 9.34 -35.36
CA GLY C 161 -8.06 8.23 -34.53
C GLY C 161 -7.25 8.03 -33.28
N ASN C 162 -6.05 8.60 -33.18
CA ASN C 162 -5.21 8.45 -32.01
C ASN C 162 -5.59 9.50 -30.96
N VAL C 163 -4.97 9.40 -29.79
CA VAL C 163 -5.22 10.30 -28.66
C VAL C 163 -4.01 11.21 -28.51
N ARG C 164 -4.25 12.52 -28.52
CA ARG C 164 -3.18 13.50 -28.46
C ARG C 164 -3.57 14.60 -27.48
N VAL C 165 -2.55 15.27 -26.93
CA VAL C 165 -2.79 16.38 -26.03
C VAL C 165 -3.42 17.53 -26.80
N SER C 166 -4.52 18.07 -26.27
CA SER C 166 -5.22 19.19 -26.87
C SER C 166 -4.88 20.52 -26.21
N ARG C 167 -4.66 20.53 -24.91
CA ARG C 167 -4.35 21.77 -24.19
C ARG C 167 -3.62 21.43 -22.91
N GLU C 168 -2.77 22.36 -22.47
CA GLU C 168 -2.03 22.23 -21.21
C GLU C 168 -2.26 23.52 -20.41
N LEU C 169 -3.12 23.44 -19.41
CA LEU C 169 -3.52 24.61 -18.63
C LEU C 169 -2.53 24.82 -17.48
N ALA C 170 -1.72 25.88 -17.58
CA ALA C 170 -0.71 26.19 -16.59
C ALA C 170 -1.02 27.52 -15.93
N GLY C 171 -0.59 27.66 -14.67
CA GLY C 171 -0.87 28.85 -13.92
C GLY C 171 -1.07 28.62 -12.43
N HIS C 172 -1.32 27.38 -12.04
CA HIS C 172 -1.39 27.04 -10.62
C HIS C 172 0.02 26.96 -10.03
N THR C 173 0.09 27.09 -8.71
CA THR C 173 1.37 27.05 -8.00
C THR C 173 1.63 25.72 -7.32
N GLY C 174 0.63 25.14 -6.67
CA GLY C 174 0.77 23.85 -6.04
C GLY C 174 0.21 22.72 -6.89
N TYR C 175 0.29 21.51 -6.36
CA TYR C 175 -0.17 20.33 -7.06
C TYR C 175 -1.68 20.38 -7.28
N LEU C 176 -2.13 19.77 -8.38
CA LEU C 176 -3.55 19.72 -8.70
C LEU C 176 -4.21 18.59 -7.90
N SER C 177 -5.26 18.94 -7.17
CA SER C 177 -5.96 17.98 -6.32
C SER C 177 -7.23 17.43 -6.95
N CYS C 178 -7.96 18.25 -7.70
CA CYS C 178 -9.19 17.80 -8.34
C CYS C 178 -9.48 18.70 -9.53
N CYS C 179 -10.30 18.19 -10.44
CA CYS C 179 -10.72 18.92 -11.62
C CYS C 179 -12.03 18.33 -12.12
N ARG C 180 -12.93 19.20 -12.59
CA ARG C 180 -14.23 18.77 -13.04
C ARG C 180 -14.64 19.56 -14.29
N PHE C 181 -15.24 18.86 -15.25
CA PHE C 181 -15.67 19.45 -16.50
C PHE C 181 -17.04 20.09 -16.33
N LEU C 182 -17.13 21.40 -16.47
CA LEU C 182 -18.44 22.05 -16.53
C LEU C 182 -19.15 21.72 -17.84
N ASP C 183 -18.43 21.87 -18.95
CA ASP C 183 -18.92 21.47 -20.27
C ASP C 183 -17.70 21.26 -21.15
N ASP C 184 -17.91 21.20 -22.47
CA ASP C 184 -16.82 20.90 -23.39
C ASP C 184 -15.76 22.00 -23.43
N ASN C 185 -16.06 23.19 -22.93
CA ASN C 185 -15.16 24.32 -23.06
C ASN C 185 -14.65 24.85 -21.73
N GLN C 186 -15.40 24.67 -20.64
CA GLN C 186 -15.02 25.19 -19.34
C GLN C 186 -14.68 24.06 -18.38
N ILE C 187 -13.64 24.25 -17.58
CA ILE C 187 -13.22 23.29 -16.57
C ILE C 187 -12.82 24.05 -15.32
N VAL C 188 -13.17 23.49 -14.15
CA VAL C 188 -12.83 24.07 -12.86
C VAL C 188 -11.85 23.13 -12.16
N THR C 189 -10.76 23.70 -11.63
CA THR C 189 -9.70 22.93 -11.00
C THR C 189 -9.36 23.52 -9.64
N SER C 190 -8.94 22.65 -8.73
CA SER C 190 -8.49 23.04 -7.40
C SER C 190 -7.06 22.57 -7.20
N SER C 191 -6.26 23.38 -6.52
CA SER C 191 -4.84 23.13 -6.39
C SER C 191 -4.44 23.16 -4.91
N GLY C 192 -3.20 22.79 -4.65
CA GLY C 192 -2.63 22.77 -3.32
C GLY C 192 -2.10 24.10 -2.82
N ASP C 193 -2.23 25.18 -3.60
CA ASP C 193 -1.86 26.51 -3.16
C ASP C 193 -3.06 27.27 -2.61
N THR C 194 -4.04 26.54 -2.07
CA THR C 194 -5.20 27.12 -1.37
C THR C 194 -6.06 27.99 -2.29
N THR C 195 -6.10 27.69 -3.59
CA THR C 195 -6.93 28.42 -4.52
C THR C 195 -7.60 27.46 -5.49
N CYS C 196 -8.76 27.88 -6.01
CA CYS C 196 -9.43 27.24 -7.13
C CYS C 196 -9.42 28.20 -8.32
N ALA C 197 -9.82 27.69 -9.48
CA ALA C 197 -9.80 28.49 -10.69
C ALA C 197 -10.85 27.98 -11.67
N LEU C 198 -11.24 28.87 -12.59
CA LEU C 198 -12.16 28.53 -13.67
C LEU C 198 -11.48 28.84 -14.99
N TRP C 199 -11.32 27.83 -15.83
CA TRP C 199 -10.53 27.94 -17.05
C TRP C 199 -11.41 28.00 -18.29
N ASP C 200 -10.83 28.53 -19.36
CA ASP C 200 -11.43 28.53 -20.68
C ASP C 200 -10.53 27.70 -21.58
N ILE C 201 -10.98 26.49 -21.91
CA ILE C 201 -10.11 25.53 -22.59
C ILE C 201 -9.75 26.00 -23.98
N GLU C 202 -10.66 26.69 -24.67
CA GLU C 202 -10.40 27.14 -26.02
C GLU C 202 -9.20 28.08 -26.09
N THR C 203 -9.11 29.03 -25.16
CA THR C 203 -8.02 30.00 -25.16
C THR C 203 -6.94 29.69 -24.13
N GLY C 204 -7.30 29.17 -22.96
CA GLY C 204 -6.31 28.75 -21.98
C GLY C 204 -5.98 29.74 -20.88
N GLN C 205 -6.79 30.77 -20.68
CA GLN C 205 -6.59 31.71 -19.59
C GLN C 205 -7.61 31.48 -18.48
N GLN C 206 -7.28 31.97 -17.30
CA GLN C 206 -8.15 31.84 -16.13
C GLN C 206 -9.26 32.88 -16.20
N THR C 207 -10.50 32.42 -16.33
CA THR C 207 -11.63 33.35 -16.34
C THR C 207 -11.89 33.91 -14.95
N THR C 208 -11.88 33.06 -13.93
CA THR C 208 -12.20 33.46 -12.57
C THR C 208 -11.30 32.71 -11.60
N THR C 209 -10.99 33.35 -10.48
CA THR C 209 -10.21 32.72 -9.42
C THR C 209 -10.96 32.84 -8.11
N PHE C 210 -10.94 31.76 -7.32
CA PHE C 210 -11.64 31.71 -6.03
C PHE C 210 -10.60 31.59 -4.94
N THR C 211 -10.64 32.51 -3.98
CA THR C 211 -9.68 32.57 -2.89
C THR C 211 -10.39 32.69 -1.56
N GLY C 212 -9.73 32.25 -0.50
CA GLY C 212 -10.30 32.33 0.83
C GLY C 212 -9.92 31.18 1.74
N HIS C 213 -9.49 30.06 1.17
CA HIS C 213 -9.06 28.93 1.97
C HIS C 213 -7.70 29.20 2.59
N THR C 214 -7.42 28.52 3.70
CA THR C 214 -6.15 28.64 4.41
C THR C 214 -5.24 27.43 4.20
N GLY C 215 -5.82 26.23 4.15
CA GLY C 215 -5.06 25.03 3.84
C GLY C 215 -5.28 24.57 2.41
N ASP C 216 -4.59 23.49 2.06
CA ASP C 216 -4.69 22.93 0.72
C ASP C 216 -6.12 22.49 0.44
N VAL C 217 -6.61 22.83 -0.76
CA VAL C 217 -7.94 22.40 -1.18
C VAL C 217 -7.84 20.97 -1.68
N MET C 218 -8.63 20.08 -1.09
CA MET C 218 -8.47 18.64 -1.31
C MET C 218 -9.50 18.06 -2.26
N SER C 219 -10.72 18.62 -2.32
CA SER C 219 -11.76 18.05 -3.16
C SER C 219 -12.78 19.13 -3.48
N LEU C 220 -13.51 18.92 -4.58
CA LEU C 220 -14.61 19.78 -4.96
C LEU C 220 -15.72 18.94 -5.57
N SER C 221 -16.94 19.47 -5.53
CA SER C 221 -18.11 18.79 -6.04
C SER C 221 -19.01 19.79 -6.73
N LEU C 222 -19.34 19.54 -8.00
CA LEU C 222 -20.20 20.43 -8.75
C LEU C 222 -21.68 20.18 -8.42
N ALA C 223 -22.46 21.25 -8.47
CA ALA C 223 -23.89 21.13 -8.23
C ALA C 223 -24.55 20.39 -9.39
N PRO C 224 -25.70 19.75 -9.14
CA PRO C 224 -26.39 19.06 -10.24
C PRO C 224 -26.74 19.96 -11.40
N ASP C 225 -27.07 21.23 -11.15
CA ASP C 225 -27.34 22.19 -12.21
C ASP C 225 -26.09 22.95 -12.66
N THR C 226 -24.93 22.63 -12.09
CA THR C 226 -23.65 23.23 -12.45
C THR C 226 -23.70 24.76 -12.38
N ARG C 227 -24.32 25.27 -11.32
CA ARG C 227 -24.32 26.70 -11.03
C ARG C 227 -23.46 27.06 -9.83
N LEU C 228 -23.21 26.12 -8.92
CA LEU C 228 -22.40 26.34 -7.75
C LEU C 228 -21.53 25.12 -7.53
N PHE C 229 -20.60 25.22 -6.59
CA PHE C 229 -19.81 24.07 -6.16
C PHE C 229 -19.25 24.33 -4.78
N VAL C 230 -18.79 23.27 -4.14
CA VAL C 230 -18.20 23.32 -2.82
C VAL C 230 -16.76 22.84 -2.91
N SER C 231 -16.02 23.06 -1.82
CA SER C 231 -14.62 22.65 -1.76
C SER C 231 -14.21 22.44 -0.31
N GLY C 232 -13.55 21.32 -0.05
CA GLY C 232 -13.03 21.02 1.27
C GLY C 232 -11.53 21.24 1.31
N ALA C 233 -11.04 21.72 2.45
CA ALA C 233 -9.63 22.10 2.59
C ALA C 233 -9.02 21.43 3.80
N CYS C 234 -7.70 21.60 3.93
CA CYS C 234 -6.94 21.14 5.08
C CYS C 234 -7.08 22.08 6.28
N ASP C 235 -8.03 23.01 6.25
CA ASP C 235 -8.33 23.90 7.35
C ASP C 235 -9.56 23.46 8.14
N ALA C 236 -10.04 22.24 7.90
CA ALA C 236 -11.28 21.75 8.51
C ALA C 236 -12.44 22.69 8.20
N SER C 237 -12.49 23.17 6.96
CA SER C 237 -13.52 24.11 6.54
C SER C 237 -13.99 23.75 5.14
N ALA C 238 -15.24 24.14 4.85
CA ALA C 238 -15.84 23.96 3.54
C ALA C 238 -16.58 25.24 3.16
N LYS C 239 -16.51 25.61 1.88
CA LYS C 239 -17.08 26.85 1.40
C LYS C 239 -17.96 26.58 0.20
N LEU C 240 -18.91 27.49 -0.04
CA LEU C 240 -19.82 27.42 -1.17
C LEU C 240 -19.53 28.57 -2.11
N TRP C 241 -19.24 28.25 -3.38
CA TRP C 241 -18.81 29.24 -4.36
C TRP C 241 -19.86 29.41 -5.45
N ASP C 242 -19.95 30.62 -5.98
CA ASP C 242 -20.81 30.93 -7.11
C ASP C 242 -19.93 31.02 -8.36
N VAL C 243 -20.26 30.23 -9.39
CA VAL C 243 -19.42 30.17 -10.57
C VAL C 243 -19.39 31.50 -11.31
N ARG C 244 -20.55 32.14 -11.46
CA ARG C 244 -20.62 33.39 -12.20
C ARG C 244 -20.14 34.57 -11.37
N GLU C 245 -20.75 34.76 -10.19
CA GLU C 245 -20.42 35.92 -9.36
C GLU C 245 -19.03 35.83 -8.76
N GLY C 246 -18.53 34.61 -8.55
CA GLY C 246 -17.16 34.42 -8.08
C GLY C 246 -16.84 34.88 -6.68
N MET C 247 -17.73 34.62 -5.72
CA MET C 247 -17.44 34.88 -4.32
C MET C 247 -18.04 33.77 -3.47
N CYS C 248 -17.46 33.60 -2.28
CA CYS C 248 -17.94 32.58 -1.35
C CYS C 248 -19.23 33.05 -0.68
N ARG C 249 -20.24 32.18 -0.67
CA ARG C 249 -21.52 32.53 -0.10
C ARG C 249 -21.62 32.13 1.36
N GLN C 250 -21.30 30.87 1.68
CA GLN C 250 -21.40 30.35 3.03
C GLN C 250 -20.14 29.59 3.38
N THR C 251 -19.90 29.45 4.68
CA THR C 251 -18.78 28.67 5.19
C THR C 251 -19.28 27.73 6.28
N PHE C 252 -18.90 26.47 6.20
CA PHE C 252 -19.39 25.43 7.11
C PHE C 252 -18.21 24.84 7.87
N THR C 253 -18.35 24.76 9.20
CA THR C 253 -17.31 24.22 10.06
C THR C 253 -17.91 23.11 10.93
N GLY C 254 -17.06 22.43 11.68
CA GLY C 254 -17.49 21.34 12.52
C GLY C 254 -16.51 20.18 12.58
N HIS C 255 -15.77 19.96 11.51
CA HIS C 255 -14.75 18.92 11.51
C HIS C 255 -13.56 19.36 12.35
N GLU C 256 -12.82 18.36 12.86
CA GLU C 256 -11.67 18.62 13.72
C GLU C 256 -10.33 18.51 13.01
N SER C 257 -10.30 17.96 11.79
CA SER C 257 -9.04 17.77 11.09
C SER C 257 -9.28 18.02 9.60
N ASP C 258 -8.32 17.63 8.78
CA ASP C 258 -8.38 17.91 7.34
C ASP C 258 -9.53 17.17 6.69
N ILE C 259 -10.08 17.77 5.64
CA ILE C 259 -11.21 17.21 4.90
C ILE C 259 -10.68 16.58 3.63
N ASN C 260 -11.05 15.32 3.38
CA ASN C 260 -10.52 14.55 2.26
C ASN C 260 -11.48 14.45 1.09
N ALA C 261 -12.79 14.39 1.34
CA ALA C 261 -13.76 14.17 0.28
C ALA C 261 -15.01 15.01 0.54
N ILE C 262 -15.82 15.15 -0.51
CA ILE C 262 -17.04 15.96 -0.44
C ILE C 262 -17.90 15.58 -1.64
N CYS C 263 -19.22 15.64 -1.45
CA CYS C 263 -20.15 15.15 -2.46
C CYS C 263 -21.51 15.80 -2.26
N PHE C 264 -22.11 16.28 -3.35
CA PHE C 264 -23.45 16.85 -3.30
C PHE C 264 -24.53 15.79 -3.17
N PHE C 265 -25.60 16.15 -2.47
CA PHE C 265 -26.80 15.34 -2.42
C PHE C 265 -27.51 15.38 -3.79
N PRO C 266 -28.26 14.33 -4.14
CA PRO C 266 -28.93 14.31 -5.45
C PRO C 266 -29.85 15.49 -5.70
N ASN C 267 -30.56 15.97 -4.68
CA ASN C 267 -31.46 17.11 -4.89
C ASN C 267 -30.73 18.44 -4.91
N GLY C 268 -29.44 18.46 -4.58
CA GLY C 268 -28.64 19.66 -4.70
C GLY C 268 -28.74 20.64 -3.55
N ASN C 269 -29.33 20.23 -2.42
CA ASN C 269 -29.48 21.12 -1.27
C ASN C 269 -28.76 20.61 -0.03
N ALA C 270 -27.80 19.70 -0.20
CA ALA C 270 -27.03 19.19 0.93
C ALA C 270 -25.75 18.58 0.38
N PHE C 271 -24.82 18.29 1.30
CA PHE C 271 -23.58 17.61 0.93
C PHE C 271 -23.01 16.92 2.15
N ALA C 272 -22.09 15.99 1.90
CA ALA C 272 -21.43 15.24 2.95
C ALA C 272 -19.92 15.34 2.78
N THR C 273 -19.20 15.34 3.91
CA THR C 273 -17.76 15.49 3.91
C THR C 273 -17.13 14.36 4.73
N GLY C 274 -15.93 13.98 4.35
CA GLY C 274 -15.16 12.99 5.08
C GLY C 274 -13.81 13.56 5.48
N SER C 275 -13.41 13.32 6.72
CA SER C 275 -12.25 13.98 7.29
C SER C 275 -11.30 12.94 7.91
N ASP C 276 -10.23 13.44 8.51
CA ASP C 276 -9.20 12.61 9.15
C ASP C 276 -9.52 12.23 10.58
N ASP C 277 -10.58 12.78 11.17
CA ASP C 277 -11.02 12.37 12.50
C ASP C 277 -11.98 11.19 12.46
N ALA C 278 -12.02 10.46 11.33
CA ALA C 278 -12.78 9.23 11.18
C ALA C 278 -14.30 9.45 11.31
N THR C 279 -14.79 10.63 10.92
CA THR C 279 -16.21 10.92 10.96
C THR C 279 -16.64 11.57 9.65
N CYS C 280 -17.92 11.39 9.32
CA CYS C 280 -18.58 12.10 8.23
C CYS C 280 -19.70 12.96 8.80
N ARG C 281 -20.04 14.02 8.08
CA ARG C 281 -21.09 14.93 8.53
C ARG C 281 -21.91 15.40 7.33
N LEU C 282 -23.19 15.68 7.57
CA LEU C 282 -24.11 16.11 6.54
C LEU C 282 -24.50 17.56 6.83
N PHE C 283 -24.27 18.44 5.85
CA PHE C 283 -24.57 19.85 5.98
C PHE C 283 -25.70 20.24 5.04
N ASP C 284 -26.53 21.19 5.46
CA ASP C 284 -27.63 21.68 4.67
C ASP C 284 -27.37 23.13 4.27
N LEU C 285 -27.53 23.43 2.98
CA LEU C 285 -27.21 24.76 2.49
C LEU C 285 -28.19 25.81 3.02
N ARG C 286 -29.48 25.47 3.06
CA ARG C 286 -30.48 26.47 3.48
C ARG C 286 -30.44 26.70 4.98
N ALA C 287 -30.32 25.65 5.78
CA ALA C 287 -30.21 25.81 7.22
C ALA C 287 -28.83 26.28 7.65
N ASP C 288 -27.83 26.11 6.80
CA ASP C 288 -26.47 26.63 7.03
C ASP C 288 -25.89 26.08 8.34
N GLN C 289 -26.12 24.80 8.59
CA GLN C 289 -25.56 24.15 9.76
C GLN C 289 -25.58 22.63 9.56
N GLU C 290 -24.83 21.94 10.41
CA GLU C 290 -24.72 20.49 10.37
C GLU C 290 -26.06 19.84 10.70
N LEU C 291 -26.32 18.69 10.08
CA LEU C 291 -27.54 17.93 10.32
C LEU C 291 -27.31 16.61 11.05
N MET C 292 -26.27 15.87 10.68
CA MET C 292 -26.05 14.54 11.26
C MET C 292 -24.60 14.15 11.08
N THR C 293 -24.11 13.30 11.98
CA THR C 293 -22.75 12.78 11.91
C THR C 293 -22.77 11.26 11.92
N TYR C 294 -21.86 10.65 11.15
CA TYR C 294 -21.78 9.21 11.01
C TYR C 294 -20.44 8.74 11.56
N SER C 295 -20.46 8.14 12.75
CA SER C 295 -19.23 7.68 13.38
C SER C 295 -19.52 6.45 14.22
N HIS C 296 -18.46 5.70 14.52
CA HIS C 296 -18.55 4.53 15.38
C HIS C 296 -17.27 4.43 16.19
N ASP C 297 -17.38 3.83 17.37
CA ASP C 297 -16.25 3.78 18.29
C ASP C 297 -15.13 2.90 17.75
N ASN C 298 -15.46 1.88 16.97
CA ASN C 298 -14.46 0.94 16.47
C ASN C 298 -13.63 1.49 15.33
N ILE C 299 -14.00 2.65 14.78
CA ILE C 299 -13.29 3.23 13.64
C ILE C 299 -12.36 4.32 14.14
N ILE C 300 -11.09 4.23 13.78
CA ILE C 300 -10.09 5.21 14.21
C ILE C 300 -9.27 5.68 13.01
N CYS C 301 -9.67 5.26 11.81
CA CYS C 301 -8.98 5.63 10.58
C CYS C 301 -9.84 6.60 9.77
N GLY C 302 -9.17 7.50 9.06
CA GLY C 302 -9.86 8.53 8.33
C GLY C 302 -10.57 8.01 7.09
N ILE C 303 -11.39 8.89 6.52
CA ILE C 303 -12.17 8.59 5.32
C ILE C 303 -11.42 9.14 4.11
N THR C 304 -11.31 8.33 3.06
CA THR C 304 -10.61 8.73 1.85
C THR C 304 -11.53 9.18 0.73
N SER C 305 -12.79 8.75 0.73
CA SER C 305 -13.73 9.09 -0.33
C SER C 305 -15.15 8.83 0.12
N VAL C 306 -16.08 9.63 -0.39
CA VAL C 306 -17.50 9.47 -0.09
C VAL C 306 -18.30 9.55 -1.40
N SER C 307 -19.51 9.01 -1.36
CA SER C 307 -20.42 9.06 -2.49
C SER C 307 -21.83 8.73 -2.01
N PHE C 308 -22.81 9.08 -2.84
CA PHE C 308 -24.22 8.84 -2.56
C PHE C 308 -24.79 7.91 -3.62
N SER C 309 -25.85 7.19 -3.25
CA SER C 309 -26.55 6.37 -4.22
C SER C 309 -27.50 7.25 -5.04
N LYS C 310 -28.26 6.63 -5.94
CA LYS C 310 -29.09 7.40 -6.86
C LYS C 310 -30.18 8.18 -6.14
N SER C 311 -30.83 7.55 -5.16
CA SER C 311 -31.92 8.20 -4.44
C SER C 311 -31.45 8.98 -3.22
N GLY C 312 -30.18 8.86 -2.84
CA GLY C 312 -29.66 9.55 -1.68
C GLY C 312 -29.90 8.87 -0.35
N ARG C 313 -30.47 7.67 -0.35
CA ARG C 313 -30.73 6.97 0.91
C ARG C 313 -29.47 6.36 1.50
N LEU C 314 -28.54 5.90 0.65
CA LEU C 314 -27.34 5.24 1.11
C LEU C 314 -26.12 6.13 0.89
N LEU C 315 -25.25 6.18 1.89
CA LEU C 315 -23.99 6.92 1.81
C LEU C 315 -22.85 5.91 1.89
N LEU C 316 -22.00 5.90 0.87
CA LEU C 316 -20.86 4.98 0.80
C LEU C 316 -19.58 5.75 1.05
N ALA C 317 -18.75 5.24 1.97
CA ALA C 317 -17.53 5.90 2.37
C ALA C 317 -16.38 4.90 2.42
N GLY C 318 -15.24 5.28 1.86
CA GLY C 318 -14.05 4.46 1.92
C GLY C 318 -13.16 4.84 3.10
N TYR C 319 -12.49 3.84 3.67
CA TYR C 319 -11.72 4.02 4.88
C TYR C 319 -10.28 3.55 4.66
N ASP C 320 -9.43 3.88 5.63
CA ASP C 320 -8.01 3.51 5.59
C ASP C 320 -7.75 2.09 6.07
N ASP C 321 -8.73 1.43 6.69
CA ASP C 321 -8.57 0.07 7.16
C ASP C 321 -8.89 -0.97 6.08
N PHE C 322 -8.77 -0.58 4.80
CA PHE C 322 -8.95 -1.43 3.63
C PHE C 322 -10.41 -1.83 3.41
N ASN C 323 -11.35 -1.14 4.06
CA ASN C 323 -12.77 -1.47 3.95
C ASN C 323 -13.57 -0.23 3.57
N CYS C 324 -14.75 -0.47 3.00
CA CYS C 324 -15.72 0.56 2.73
C CYS C 324 -17.02 0.23 3.44
N ASN C 325 -17.64 1.23 4.05
CA ASN C 325 -18.86 1.04 4.83
C ASN C 325 -20.02 1.73 4.13
N VAL C 326 -21.20 1.13 4.23
CA VAL C 326 -22.43 1.70 3.69
C VAL C 326 -23.26 2.18 4.87
N TRP C 327 -23.65 3.45 4.84
CA TRP C 327 -24.40 4.06 5.92
C TRP C 327 -25.84 4.32 5.49
N ASP C 328 -26.70 4.51 6.48
CA ASP C 328 -28.08 4.92 6.26
C ASP C 328 -28.15 6.42 6.50
N ALA C 329 -28.40 7.18 5.44
CA ALA C 329 -28.30 8.63 5.54
C ALA C 329 -29.30 9.20 6.54
N LEU C 330 -30.52 8.66 6.55
CA LEU C 330 -31.56 9.17 7.44
C LEU C 330 -31.50 8.59 8.84
N LYS C 331 -30.69 7.56 9.07
CA LYS C 331 -30.66 6.87 10.35
C LYS C 331 -29.30 6.87 11.04
N ALA C 332 -28.21 7.16 10.31
CA ALA C 332 -26.86 7.12 10.86
C ALA C 332 -26.53 5.77 11.48
N ASP C 333 -26.98 4.70 10.81
CA ASP C 333 -26.70 3.34 11.25
C ASP C 333 -26.07 2.58 10.11
N ARG C 334 -24.97 1.89 10.39
CA ARG C 334 -24.28 1.13 9.36
C ARG C 334 -25.17 0.01 8.85
N ALA C 335 -25.10 -0.25 7.55
CA ALA C 335 -25.96 -1.25 6.92
C ALA C 335 -25.23 -2.22 6.01
N GLY C 336 -23.93 -2.04 5.76
CA GLY C 336 -23.21 -2.95 4.90
C GLY C 336 -21.72 -2.69 4.96
N VAL C 337 -20.96 -3.68 4.52
CA VAL C 337 -19.50 -3.61 4.50
C VAL C 337 -19.01 -4.21 3.18
N LEU C 338 -18.04 -3.55 2.56
CA LEU C 338 -17.35 -4.06 1.38
C LEU C 338 -15.90 -4.34 1.76
N ALA C 339 -15.47 -5.59 1.60
CA ALA C 339 -14.19 -6.04 2.14
C ALA C 339 -13.42 -6.85 1.10
N GLY C 340 -13.29 -6.30 -0.10
CA GLY C 340 -12.61 -7.00 -1.17
C GLY C 340 -11.20 -6.53 -1.51
N HIS C 341 -10.70 -5.47 -0.88
CA HIS C 341 -9.42 -4.88 -1.24
C HIS C 341 -8.37 -5.23 -0.19
N ASP C 342 -7.14 -5.43 -0.66
CA ASP C 342 -6.02 -5.80 0.20
C ASP C 342 -5.15 -4.61 0.58
N ASN C 343 -5.50 -3.40 0.17
CA ASN C 343 -4.74 -2.20 0.53
C ASN C 343 -5.71 -1.02 0.61
N ARG C 344 -5.15 0.16 0.82
CA ARG C 344 -5.95 1.36 1.08
C ARG C 344 -6.87 1.67 -0.09
N VAL C 345 -8.12 2.03 0.24
CA VAL C 345 -9.11 2.41 -0.76
C VAL C 345 -8.97 3.92 -1.00
N SER C 346 -8.66 4.30 -2.23
CA SER C 346 -8.38 5.68 -2.56
C SER C 346 -9.52 6.40 -3.26
N CYS C 347 -10.30 5.68 -4.06
CA CYS C 347 -11.35 6.30 -4.88
C CYS C 347 -12.60 5.42 -4.86
N LEU C 348 -13.74 6.06 -5.14
CA LEU C 348 -15.03 5.41 -5.03
C LEU C 348 -16.06 6.24 -5.78
N GLY C 349 -16.79 5.62 -6.70
CA GLY C 349 -17.76 6.33 -7.50
C GLY C 349 -18.97 5.47 -7.84
N VAL C 350 -20.07 6.14 -8.12
CA VAL C 350 -21.35 5.49 -8.43
C VAL C 350 -21.85 6.03 -9.77
N THR C 351 -22.41 5.14 -10.60
CA THR C 351 -22.90 5.52 -11.91
C THR C 351 -24.08 6.50 -11.79
N ASP C 352 -24.42 7.12 -12.91
CA ASP C 352 -25.54 8.06 -12.93
C ASP C 352 -26.85 7.37 -12.58
N ASP C 353 -27.10 6.21 -13.17
CA ASP C 353 -28.32 5.46 -12.90
C ASP C 353 -28.20 4.54 -11.70
N GLY C 354 -27.05 4.50 -11.04
CA GLY C 354 -26.92 3.77 -9.79
C GLY C 354 -26.98 2.27 -9.93
N MET C 355 -26.64 1.73 -11.10
CA MET C 355 -26.66 0.28 -11.27
C MET C 355 -25.44 -0.40 -10.64
N ALA C 356 -24.37 0.33 -10.38
CA ALA C 356 -23.17 -0.27 -9.82
C ALA C 356 -22.33 0.79 -9.12
N VAL C 357 -21.40 0.32 -8.30
CA VAL C 357 -20.42 1.16 -7.62
C VAL C 357 -19.03 0.57 -7.85
N ALA C 358 -18.08 1.42 -8.23
CA ALA C 358 -16.72 0.99 -8.52
C ALA C 358 -15.78 1.61 -7.50
N THR C 359 -14.88 0.79 -6.96
CA THR C 359 -13.90 1.23 -5.97
C THR C 359 -12.51 0.83 -6.42
N GLY C 360 -11.62 1.80 -6.55
CA GLY C 360 -10.21 1.51 -6.74
C GLY C 360 -9.47 1.44 -5.43
N SER C 361 -8.21 1.03 -5.50
CA SER C 361 -7.42 0.85 -4.30
C SER C 361 -5.95 0.99 -4.62
N TRP C 362 -5.13 0.92 -3.59
CA TRP C 362 -3.68 1.11 -3.71
C TRP C 362 -2.96 -0.16 -4.13
N ASP C 363 -3.67 -1.28 -4.29
CA ASP C 363 -3.08 -2.50 -4.79
C ASP C 363 -3.25 -2.66 -6.29
N SER C 364 -3.72 -1.62 -6.98
CA SER C 364 -3.78 -1.55 -8.43
C SER C 364 -4.85 -2.47 -9.03
N PHE C 365 -5.99 -2.59 -8.33
CA PHE C 365 -7.11 -3.39 -8.83
C PHE C 365 -8.40 -2.61 -8.64
N LEU C 366 -9.21 -2.58 -9.69
CA LEU C 366 -10.55 -2.01 -9.65
C LEU C 366 -11.58 -3.12 -9.52
N LYS C 367 -12.68 -2.82 -8.83
CA LYS C 367 -13.73 -3.81 -8.61
C LYS C 367 -15.09 -3.16 -8.77
N ILE C 368 -15.97 -3.85 -9.49
CA ILE C 368 -17.35 -3.41 -9.68
C ILE C 368 -18.23 -4.19 -8.70
N TRP C 369 -18.99 -3.47 -7.89
CA TRP C 369 -19.85 -4.09 -6.88
C TRP C 369 -21.31 -3.90 -7.24
N ASN C 370 -22.12 -4.89 -6.89
CA ASN C 370 -23.54 -4.85 -7.17
C ASN C 370 -24.32 -5.77 -6.24
N ALA D 7 -0.13 45.38 5.72
CA ALA D 7 0.14 43.95 5.64
C ALA D 7 -1.04 43.14 6.17
N SER D 8 -0.98 42.76 7.44
CA SER D 8 -2.06 41.99 8.04
C SER D 8 -3.34 42.81 8.19
N ILE D 9 -3.24 44.14 8.13
CA ILE D 9 -4.43 44.98 8.23
C ILE D 9 -5.36 44.72 7.04
N ALA D 10 -4.79 44.60 5.84
CA ALA D 10 -5.62 44.31 4.67
C ALA D 10 -6.30 42.96 4.79
N GLN D 11 -5.58 41.95 5.29
CA GLN D 11 -6.18 40.63 5.50
C GLN D 11 -7.32 40.71 6.51
N ALA D 12 -7.12 41.44 7.61
CA ALA D 12 -8.18 41.58 8.60
C ALA D 12 -9.40 42.28 8.01
N ARG D 13 -9.17 43.33 7.21
CA ARG D 13 -10.30 44.03 6.59
C ARG D 13 -11.04 43.12 5.62
N LYS D 14 -10.31 42.32 4.84
CA LYS D 14 -10.97 41.39 3.92
C LYS D 14 -11.79 40.35 4.69
N LEU D 15 -11.24 39.83 5.79
CA LEU D 15 -11.97 38.87 6.60
C LEU D 15 -13.23 39.49 7.19
N VAL D 16 -13.14 40.73 7.66
CA VAL D 16 -14.30 41.41 8.21
C VAL D 16 -15.36 41.61 7.14
N GLU D 17 -14.95 42.01 5.94
CA GLU D 17 -15.90 42.19 4.85
C GLU D 17 -16.58 40.87 4.49
N GLN D 18 -15.81 39.78 4.45
CA GLN D 18 -16.39 38.47 4.15
C GLN D 18 -17.39 38.06 5.23
N LEU D 19 -17.05 38.27 6.49
CA LEU D 19 -17.98 37.93 7.57
C LEU D 19 -19.25 38.77 7.49
N LYS D 20 -19.12 40.05 7.18
CA LYS D 20 -20.29 40.92 7.06
C LYS D 20 -21.19 40.46 5.91
N MET D 21 -20.59 40.09 4.77
CA MET D 21 -21.38 39.62 3.64
C MET D 21 -22.03 38.27 3.91
N GLU D 22 -21.36 37.41 4.69
CA GLU D 22 -21.90 36.09 4.97
C GLU D 22 -23.00 36.13 6.03
N ALA D 23 -22.90 37.04 7.00
CA ALA D 23 -23.81 37.01 8.15
C ALA D 23 -25.25 37.29 7.73
N ASN D 24 -25.47 38.25 6.83
CA ASN D 24 -26.82 38.73 6.52
C ASN D 24 -27.46 37.85 5.44
N ILE D 25 -27.80 36.63 5.84
CA ILE D 25 -28.54 35.69 5.01
C ILE D 25 -29.65 35.07 5.84
N ASP D 26 -30.83 34.95 5.24
CA ASP D 26 -31.97 34.34 5.92
C ASP D 26 -31.80 32.83 6.02
N ARG D 27 -32.31 32.26 7.11
CA ARG D 27 -32.18 30.83 7.38
C ARG D 27 -33.54 30.26 7.75
N ILE D 28 -33.74 28.99 7.42
CA ILE D 28 -34.97 28.28 7.74
C ILE D 28 -34.68 27.29 8.86
N LYS D 29 -35.74 26.73 9.43
CA LYS D 29 -35.59 25.79 10.53
C LYS D 29 -35.01 24.47 10.02
N VAL D 30 -34.41 23.71 10.95
CA VAL D 30 -33.85 22.41 10.62
C VAL D 30 -34.96 21.44 10.23
N SER D 31 -36.13 21.55 10.86
CA SER D 31 -37.21 20.61 10.62
C SER D 31 -37.66 20.64 9.15
N LYS D 32 -37.71 21.83 8.55
CA LYS D 32 -38.10 21.92 7.15
C LYS D 32 -37.09 21.22 6.25
N ALA D 33 -35.79 21.40 6.52
CA ALA D 33 -34.77 20.72 5.72
C ALA D 33 -34.87 19.21 5.87
N ALA D 34 -35.08 18.73 7.10
CA ALA D 34 -35.23 17.30 7.32
C ALA D 34 -36.45 16.76 6.58
N ALA D 35 -37.56 17.50 6.62
CA ALA D 35 -38.75 17.07 5.91
C ALA D 35 -38.51 17.00 4.41
N ASP D 36 -37.80 17.98 3.85
CA ASP D 36 -37.51 17.95 2.42
C ASP D 36 -36.61 16.77 2.05
N LEU D 37 -35.58 16.51 2.86
CA LEU D 37 -34.71 15.38 2.56
C LEU D 37 -35.47 14.07 2.63
N MET D 38 -36.32 13.89 3.66
CA MET D 38 -37.16 12.71 3.72
C MET D 38 -38.04 12.60 2.49
N ALA D 39 -38.81 13.66 2.20
CA ALA D 39 -39.73 13.63 1.06
C ALA D 39 -39.00 13.22 -0.23
N TYR D 40 -37.80 13.74 -0.45
CA TYR D 40 -37.04 13.33 -1.63
C TYR D 40 -36.70 11.84 -1.57
N CYS D 41 -36.28 11.35 -0.41
CA CYS D 41 -35.88 9.94 -0.30
C CYS D 41 -37.07 9.01 -0.56
N GLU D 42 -38.21 9.25 0.10
CA GLU D 42 -39.38 8.43 -0.15
C GLU D 42 -39.95 8.65 -1.55
N ALA D 43 -39.68 9.80 -2.17
CA ALA D 43 -40.16 10.02 -3.53
C ALA D 43 -39.38 9.20 -4.54
N HIS D 44 -38.06 9.13 -4.37
CA HIS D 44 -37.20 8.46 -5.35
C HIS D 44 -36.70 7.09 -4.90
N ALA D 45 -37.24 6.55 -3.80
CA ALA D 45 -36.81 5.23 -3.34
C ALA D 45 -37.19 4.11 -4.30
N LYS D 46 -38.09 4.36 -5.25
CA LYS D 46 -38.54 3.31 -6.16
C LYS D 46 -37.59 3.11 -7.34
N GLU D 47 -36.56 3.93 -7.48
CA GLU D 47 -35.63 3.86 -8.59
C GLU D 47 -34.19 3.82 -8.10
N ASP D 48 -33.93 2.99 -7.08
CA ASP D 48 -32.59 2.81 -6.52
C ASP D 48 -32.23 1.34 -6.60
N PRO D 49 -31.55 0.91 -7.67
CA PRO D 49 -31.21 -0.52 -7.79
C PRO D 49 -30.36 -1.05 -6.66
N LEU D 50 -29.42 -0.25 -6.14
CA LEU D 50 -28.60 -0.70 -5.03
C LEU D 50 -29.43 -0.90 -3.77
N LEU D 51 -30.37 0.01 -3.50
CA LEU D 51 -31.21 -0.10 -2.32
C LEU D 51 -32.20 -1.25 -2.45
N THR D 52 -32.88 -1.34 -3.59
CA THR D 52 -33.86 -2.39 -3.83
C THR D 52 -33.31 -3.37 -4.86
N PRO D 53 -32.98 -4.61 -4.47
CA PRO D 53 -32.44 -5.56 -5.45
C PRO D 53 -33.41 -5.81 -6.60
N VAL D 54 -32.84 -6.04 -7.78
CA VAL D 54 -33.61 -6.20 -9.01
C VAL D 54 -33.31 -7.56 -9.62
N PRO D 55 -34.23 -8.13 -10.40
CA PRO D 55 -33.96 -9.44 -11.01
C PRO D 55 -32.78 -9.39 -11.97
N ALA D 56 -32.09 -10.53 -12.09
CA ALA D 56 -30.90 -10.63 -12.91
C ALA D 56 -31.18 -10.50 -14.39
N SER D 57 -32.44 -10.57 -14.82
CA SER D 57 -32.76 -10.46 -16.24
C SER D 57 -32.38 -9.08 -16.78
N GLU D 58 -32.67 -8.03 -16.01
CA GLU D 58 -32.34 -6.66 -16.42
C GLU D 58 -30.99 -6.19 -15.88
N ASN D 59 -30.29 -7.03 -15.13
CA ASN D 59 -29.00 -6.66 -14.56
C ASN D 59 -27.94 -6.69 -15.67
N PRO D 60 -27.26 -5.58 -15.95
CA PRO D 60 -26.25 -5.59 -17.01
C PRO D 60 -24.91 -6.19 -16.61
N PHE D 61 -24.72 -6.50 -15.32
CA PHE D 61 -23.46 -7.07 -14.83
C PHE D 61 -23.64 -8.53 -14.40
N ARG D 62 -24.66 -9.19 -14.91
CA ARG D 62 -24.92 -10.59 -14.56
C ARG D 62 -23.83 -11.52 -15.09
N ALA E 21 -3.42 -61.60 -20.58
CA ALA E 21 -2.92 -62.02 -19.28
C ALA E 21 -3.16 -60.94 -18.24
N THR E 22 -3.07 -61.31 -16.96
CA THR E 22 -3.26 -60.38 -15.85
C THR E 22 -2.13 -60.54 -14.85
N PHE E 23 -1.75 -59.42 -14.24
CA PHE E 23 -0.72 -59.41 -13.21
C PHE E 23 -1.38 -59.45 -11.84
N LEU E 24 -0.83 -60.27 -10.95
CA LEU E 24 -1.38 -60.48 -9.62
C LEU E 24 -0.59 -59.63 -8.62
N LEU E 25 -1.23 -58.61 -8.07
CA LEU E 25 -0.59 -57.76 -7.08
C LEU E 25 -0.59 -58.46 -5.72
N THR E 26 0.29 -57.99 -4.84
CA THR E 26 0.42 -58.55 -3.50
C THR E 26 0.28 -57.54 -2.39
N GLY E 27 0.71 -56.30 -2.60
CA GLY E 27 0.56 -55.29 -1.56
C GLY E 27 1.50 -55.53 -0.39
N ILE E 28 1.15 -54.93 0.73
CA ILE E 28 1.95 -55.06 1.96
C ILE E 28 1.87 -56.50 2.44
N PRO E 29 2.99 -57.11 2.88
CA PRO E 29 2.93 -58.50 3.35
C PRO E 29 2.21 -58.63 4.69
N GLY E 30 1.64 -57.53 5.19
CA GLY E 30 0.89 -57.54 6.42
C GLY E 30 -0.58 -57.21 6.31
N LEU E 31 -1.16 -57.28 5.11
CA LEU E 31 -2.58 -56.95 4.93
C LEU E 31 -3.49 -58.13 5.25
N GLU E 32 -2.95 -59.28 5.63
CA GLU E 32 -3.76 -60.44 5.97
C GLU E 32 -4.60 -60.22 7.22
N ALA E 33 -4.34 -59.17 8.00
CA ALA E 33 -5.09 -58.85 9.20
C ALA E 33 -6.42 -58.18 8.90
N ALA E 34 -6.91 -58.26 7.66
CA ALA E 34 -8.18 -57.67 7.24
C ALA E 34 -8.18 -56.16 7.38
N HIS E 35 -7.00 -55.55 7.26
CA HIS E 35 -6.80 -54.09 7.26
C HIS E 35 -7.63 -53.40 8.34
N ILE E 36 -7.53 -53.93 9.55
CA ILE E 36 -8.26 -53.36 10.68
C ILE E 36 -7.77 -51.94 10.97
N TRP E 37 -6.45 -51.77 11.01
CA TRP E 37 -5.84 -50.48 11.34
C TRP E 37 -4.91 -49.95 10.26
N ILE E 38 -5.01 -50.48 9.04
CA ILE E 38 -4.13 -50.07 7.95
C ILE E 38 -4.82 -49.14 6.97
N SER E 39 -6.11 -49.39 6.69
CA SER E 39 -6.81 -48.59 5.69
C SER E 39 -7.07 -47.16 6.17
N ILE E 40 -7.30 -46.98 7.47
CA ILE E 40 -7.65 -45.64 7.98
C ILE E 40 -6.51 -44.64 7.79
N PRO E 41 -5.26 -44.92 8.21
CA PRO E 41 -4.20 -43.93 7.96
C PRO E 41 -3.99 -43.65 6.48
N PHE E 42 -4.09 -44.67 5.63
CA PHE E 42 -3.93 -44.46 4.19
C PHE E 42 -5.02 -43.53 3.65
N CYS E 43 -6.27 -43.78 4.04
CA CYS E 43 -7.37 -42.93 3.57
C CYS E 43 -7.21 -41.51 4.06
N PHE E 44 -6.86 -41.33 5.34
CA PHE E 44 -6.69 -39.97 5.88
C PHE E 44 -5.55 -39.24 5.17
N MET E 45 -4.44 -39.94 4.94
CA MET E 45 -3.30 -39.32 4.27
C MET E 45 -3.62 -38.95 2.82
N TYR E 46 -4.32 -39.82 2.10
CA TYR E 46 -4.72 -39.49 0.74
C TYR E 46 -5.67 -38.29 0.72
N LEU E 47 -6.62 -38.26 1.67
CA LEU E 47 -7.55 -37.14 1.72
C LEU E 47 -6.82 -35.83 1.99
N ILE E 48 -5.87 -35.84 2.93
CA ILE E 48 -5.11 -34.63 3.24
C ILE E 48 -4.33 -34.18 2.01
N ALA E 49 -3.67 -35.12 1.33
CA ALA E 49 -2.89 -34.75 0.14
C ALA E 49 -3.76 -34.12 -0.92
N ILE E 50 -4.87 -34.79 -1.26
CA ILE E 50 -5.72 -34.30 -2.35
C ILE E 50 -6.31 -32.94 -1.99
N LEU E 51 -6.86 -32.81 -0.78
CA LEU E 51 -7.49 -31.56 -0.38
C LEU E 51 -6.50 -30.41 -0.35
N GLY E 52 -5.32 -30.64 0.24
CA GLY E 52 -4.34 -29.57 0.33
C GLY E 52 -3.84 -29.12 -1.04
N ASN E 53 -3.50 -30.08 -1.90
CA ASN E 53 -2.99 -29.72 -3.22
C ASN E 53 -4.05 -29.02 -4.05
N GLY E 54 -5.30 -29.51 -4.02
CA GLY E 54 -6.35 -28.86 -4.76
C GLY E 54 -6.64 -27.46 -4.25
N THR E 55 -6.68 -27.28 -2.93
CA THR E 55 -6.93 -25.94 -2.38
C THR E 55 -5.83 -24.97 -2.76
N ILE E 56 -4.56 -25.40 -2.66
CA ILE E 56 -3.47 -24.52 -3.02
C ILE E 56 -3.52 -24.14 -4.49
N LEU E 57 -3.78 -25.12 -5.36
CA LEU E 57 -3.87 -24.84 -6.79
C LEU E 57 -4.99 -23.87 -7.09
N PHE E 58 -6.17 -24.08 -6.50
CA PHE E 58 -7.30 -23.19 -6.75
C PHE E 58 -7.00 -21.77 -6.27
N ILE E 59 -6.44 -21.64 -5.06
CA ILE E 59 -6.16 -20.31 -4.52
C ILE E 59 -5.14 -19.58 -5.39
N ILE E 60 -4.09 -20.27 -5.82
CA ILE E 60 -3.07 -19.64 -6.64
C ILE E 60 -3.64 -19.23 -7.99
N ARG E 61 -4.43 -20.10 -8.62
CA ARG E 61 -4.93 -19.83 -9.95
C ARG E 61 -6.19 -18.97 -9.98
N THR E 62 -6.72 -18.57 -8.82
CA THR E 62 -7.89 -17.70 -8.78
C THR E 62 -7.57 -16.24 -8.49
N GLU E 63 -6.67 -15.97 -7.53
CA GLU E 63 -6.45 -14.60 -7.08
C GLU E 63 -5.40 -13.90 -7.95
N PRO E 64 -5.61 -12.63 -8.30
CA PRO E 64 -4.67 -11.96 -9.21
C PRO E 64 -3.38 -11.49 -8.55
N SER E 65 -3.36 -11.34 -7.22
CA SER E 65 -2.16 -10.83 -6.57
C SER E 65 -1.08 -11.90 -6.43
N LEU E 66 -1.41 -13.17 -6.63
CA LEU E 66 -0.46 -14.26 -6.54
C LEU E 66 0.06 -14.68 -7.91
N HIS E 67 0.17 -13.74 -8.85
CA HIS E 67 0.72 -14.02 -10.18
C HIS E 67 2.16 -13.51 -10.21
N GLU E 68 3.05 -14.33 -9.68
CA GLU E 68 4.47 -14.04 -9.61
C GLU E 68 5.23 -15.30 -9.99
N PRO E 69 6.50 -15.17 -10.39
CA PRO E 69 7.28 -16.37 -10.71
C PRO E 69 7.43 -17.33 -9.54
N MET E 70 7.46 -16.83 -8.31
CA MET E 70 7.62 -17.72 -7.17
C MET E 70 6.41 -18.63 -6.99
N TYR E 71 5.21 -18.10 -7.22
CA TYR E 71 3.99 -18.87 -7.01
C TYR E 71 3.66 -19.80 -8.18
N TYR E 72 4.17 -19.52 -9.37
CA TYR E 72 3.95 -20.42 -10.49
C TYR E 72 4.57 -21.79 -10.23
N PHE E 73 5.78 -21.81 -9.66
CA PHE E 73 6.43 -23.07 -9.35
C PHE E 73 5.72 -23.79 -8.20
N LEU E 74 5.18 -23.05 -7.23
CA LEU E 74 4.39 -23.69 -6.19
C LEU E 74 3.14 -24.35 -6.78
N SER E 75 2.47 -23.68 -7.71
CA SER E 75 1.30 -24.27 -8.35
C SER E 75 1.69 -25.50 -9.17
N MET E 76 2.82 -25.44 -9.87
CA MET E 76 3.27 -26.60 -10.62
C MET E 76 3.57 -27.78 -9.71
N LEU E 77 4.20 -27.51 -8.56
CA LEU E 77 4.47 -28.58 -7.59
C LEU E 77 3.17 -29.17 -7.05
N ALA E 78 2.18 -28.32 -6.78
CA ALA E 78 0.89 -28.83 -6.32
C ALA E 78 0.23 -29.71 -7.37
N ALA E 79 0.29 -29.29 -8.64
CA ALA E 79 -0.28 -30.10 -9.71
C ALA E 79 0.43 -31.44 -9.83
N THR E 80 1.76 -31.45 -9.73
CA THR E 80 2.51 -32.70 -9.80
C THR E 80 2.14 -33.63 -8.65
N ASP E 81 2.05 -33.10 -7.43
CA ASP E 81 1.70 -33.93 -6.28
C ASP E 81 0.30 -34.50 -6.43
N LEU E 82 -0.66 -33.69 -6.89
CA LEU E 82 -2.02 -34.18 -7.10
C LEU E 82 -2.05 -35.26 -8.16
N GLY E 83 -1.30 -35.06 -9.24
CA GLY E 83 -1.25 -36.08 -10.29
C GLY E 83 -0.68 -37.39 -9.80
N LEU E 84 0.39 -37.31 -8.99
CA LEU E 84 0.99 -38.54 -8.45
C LEU E 84 0.02 -39.26 -7.51
N SER E 85 -0.67 -38.50 -6.65
CA SER E 85 -1.64 -39.12 -5.75
C SER E 85 -2.77 -39.80 -6.52
N LEU E 86 -3.31 -39.12 -7.54
CA LEU E 86 -4.38 -39.73 -8.33
C LEU E 86 -3.87 -40.92 -9.13
N SER E 87 -2.61 -40.90 -9.55
CA SER E 87 -2.08 -42.02 -10.32
C SER E 87 -1.88 -43.25 -9.45
N THR E 88 -1.45 -43.07 -8.20
CA THR E 88 -1.20 -44.21 -7.34
C THR E 88 -2.42 -44.63 -6.50
N LEU E 89 -3.49 -43.84 -6.49
CA LEU E 89 -4.65 -44.18 -5.67
C LEU E 89 -5.38 -45.45 -6.09
N PRO E 90 -5.70 -45.69 -7.37
CA PRO E 90 -6.67 -46.77 -7.68
C PRO E 90 -6.24 -48.16 -7.23
N THR E 91 -5.06 -48.61 -7.63
CA THR E 91 -4.64 -49.98 -7.32
C THR E 91 -4.48 -50.18 -5.82
N VAL E 92 -3.89 -49.21 -5.12
CA VAL E 92 -3.71 -49.33 -3.68
C VAL E 92 -5.06 -49.41 -2.98
N LEU E 93 -5.99 -48.52 -3.36
CA LEU E 93 -7.31 -48.54 -2.75
C LEU E 93 -8.02 -49.86 -3.02
N GLY E 94 -7.93 -50.36 -4.26
CA GLY E 94 -8.60 -51.61 -4.57
C GLY E 94 -8.03 -52.78 -3.79
N ILE E 95 -6.70 -52.89 -3.73
CA ILE E 95 -6.09 -54.03 -3.07
C ILE E 95 -6.31 -53.97 -1.56
N PHE E 96 -6.43 -52.79 -0.98
CA PHE E 96 -6.60 -52.68 0.47
C PHE E 96 -8.05 -52.53 0.92
N TRP E 97 -8.99 -52.37 -0.01
CA TRP E 97 -10.39 -52.25 0.40
C TRP E 97 -11.31 -53.27 -0.24
N PHE E 98 -11.17 -53.54 -1.54
CA PHE E 98 -12.02 -54.50 -2.23
C PHE E 98 -11.40 -55.88 -2.31
N ASN E 99 -10.19 -56.07 -1.75
CA ASN E 99 -9.47 -57.34 -1.83
C ASN E 99 -9.24 -57.79 -3.27
N ALA E 100 -9.16 -56.82 -4.20
CA ALA E 100 -8.93 -57.10 -5.61
C ALA E 100 -7.46 -56.90 -5.92
N ARG E 101 -6.81 -57.93 -6.43
CA ARG E 101 -5.37 -57.92 -6.64
C ARG E 101 -4.99 -58.32 -8.06
N GLU E 102 -5.92 -58.25 -9.01
CA GLU E 102 -5.66 -58.57 -10.41
C GLU E 102 -5.75 -57.30 -11.24
N ILE E 103 -4.75 -57.07 -12.07
CA ILE E 103 -4.68 -55.90 -12.93
C ILE E 103 -4.48 -56.34 -14.37
N SER E 104 -5.11 -55.64 -15.29
CA SER E 104 -5.04 -56.01 -16.70
C SER E 104 -3.64 -55.75 -17.25
N PHE E 105 -3.44 -56.16 -18.51
CA PHE E 105 -2.13 -56.01 -19.13
C PHE E 105 -1.79 -54.54 -19.40
N ASN E 106 -2.78 -53.75 -19.79
CA ASN E 106 -2.52 -52.38 -20.22
C ASN E 106 -2.63 -51.36 -19.09
N ALA E 107 -3.51 -51.60 -18.10
CA ALA E 107 -3.61 -50.68 -16.97
C ALA E 107 -2.30 -50.65 -16.19
N CYS E 108 -1.63 -51.79 -16.07
CA CYS E 108 -0.35 -51.85 -15.38
C CYS E 108 0.67 -50.95 -16.06
N PHE E 109 0.76 -51.03 -17.38
CA PHE E 109 1.75 -50.21 -18.09
C PHE E 109 1.38 -48.74 -18.07
N ALA E 110 0.08 -48.42 -18.11
CA ALA E 110 -0.34 -47.03 -18.00
C ALA E 110 0.06 -46.45 -16.65
N GLN E 111 -0.17 -47.20 -15.57
CA GLN E 111 0.25 -46.76 -14.24
C GLN E 111 1.76 -46.62 -14.16
N MET E 112 2.49 -47.56 -14.74
CA MET E 112 3.95 -47.49 -14.73
C MET E 112 4.45 -46.25 -15.43
N PHE E 113 3.83 -45.89 -16.56
CA PHE E 113 4.20 -44.68 -17.28
C PHE E 113 3.91 -43.43 -16.44
N PHE E 114 2.70 -43.34 -15.89
CA PHE E 114 2.29 -42.11 -15.20
C PHE E 114 3.10 -41.87 -13.93
N ILE E 115 3.37 -42.94 -13.16
CA ILE E 115 4.09 -42.76 -11.90
C ILE E 115 5.47 -42.17 -12.15
N HIS E 116 6.22 -42.77 -13.07
CA HIS E 116 7.57 -42.28 -13.37
C HIS E 116 7.53 -40.88 -13.98
N GLY E 117 6.57 -40.62 -14.86
CA GLY E 117 6.47 -39.28 -15.43
C GLY E 117 6.27 -38.22 -14.36
N PHE E 118 5.40 -38.48 -13.40
CA PHE E 118 5.15 -37.47 -12.38
C PHE E 118 6.28 -37.38 -11.37
N SER E 119 7.01 -38.48 -11.12
CA SER E 119 8.20 -38.38 -10.28
C SER E 119 9.24 -37.47 -10.92
N PHE E 120 9.48 -37.64 -12.23
CA PHE E 120 10.43 -36.77 -12.91
C PHE E 120 9.95 -35.32 -12.96
N MET E 121 8.64 -35.12 -13.13
CA MET E 121 8.09 -33.77 -13.07
C MET E 121 8.38 -33.12 -11.71
N GLU E 122 8.19 -33.88 -10.62
CA GLU E 122 8.42 -33.32 -9.29
C GLU E 122 9.89 -32.95 -9.11
N SER E 123 10.81 -33.81 -9.57
CA SER E 123 12.23 -33.48 -9.46
C SER E 123 12.56 -32.20 -10.23
N SER E 124 12.05 -32.07 -11.46
CA SER E 124 12.34 -30.87 -12.25
C SER E 124 11.75 -29.63 -11.60
N VAL E 125 10.55 -29.74 -11.03
CA VAL E 125 9.93 -28.59 -10.37
C VAL E 125 10.76 -28.15 -9.17
N LEU E 126 11.27 -29.11 -8.40
CA LEU E 126 12.13 -28.75 -7.26
C LEU E 126 13.40 -28.05 -7.75
N LEU E 127 13.98 -28.52 -8.85
CA LEU E 127 15.16 -27.84 -9.39
C LEU E 127 14.86 -26.41 -9.80
N ALA E 128 13.71 -26.20 -10.46
CA ALA E 128 13.34 -24.85 -10.89
C ALA E 128 13.12 -23.94 -9.69
N MET E 129 12.49 -24.46 -8.63
CA MET E 129 12.30 -23.67 -7.42
C MET E 129 13.64 -23.30 -6.80
N ALA E 130 14.59 -24.24 -6.78
CA ALA E 130 15.90 -23.95 -6.22
C ALA E 130 16.61 -22.85 -7.00
N PHE E 131 16.56 -22.92 -8.33
CA PHE E 131 17.18 -21.87 -9.14
C PHE E 131 16.52 -20.51 -8.90
N ASP E 132 15.19 -20.50 -8.81
CA ASP E 132 14.47 -19.27 -8.50
C ASP E 132 14.95 -18.66 -7.20
N ARG E 133 14.99 -19.46 -6.13
CA ARG E 133 15.39 -18.94 -4.83
C ARG E 133 16.83 -18.45 -4.85
N PHE E 134 17.73 -19.19 -5.51
CA PHE E 134 19.12 -18.80 -5.55
C PHE E 134 19.30 -17.47 -6.26
N VAL E 135 18.64 -17.29 -7.41
CA VAL E 135 18.76 -16.02 -8.11
C VAL E 135 18.15 -14.89 -7.30
N ALA E 136 17.01 -15.14 -6.65
CA ALA E 136 16.34 -14.08 -5.90
C ALA E 136 17.19 -13.61 -4.71
N ILE E 137 17.86 -14.53 -4.03
CA ILE E 137 18.55 -14.15 -2.79
C ILE E 137 20.00 -13.74 -3.05
N CYS E 138 20.72 -14.43 -3.94
CA CYS E 138 22.11 -14.08 -4.18
C CYS E 138 22.31 -13.06 -5.29
N ASN E 139 21.26 -12.72 -6.04
CA ASN E 139 21.31 -11.68 -7.08
C ASN E 139 20.11 -10.76 -6.90
N PRO E 140 20.14 -9.89 -5.88
CA PRO E 140 18.93 -9.15 -5.54
C PRO E 140 18.54 -8.11 -6.58
N LEU E 141 19.50 -7.34 -7.09
CA LEU E 141 19.18 -6.22 -7.96
C LEU E 141 18.96 -6.61 -9.41
N ARG E 142 19.30 -7.84 -9.80
CA ARG E 142 19.10 -8.30 -11.17
C ARG E 142 18.09 -9.44 -11.25
N TYR E 143 17.21 -9.55 -10.26
CA TYR E 143 16.26 -10.66 -10.23
C TYR E 143 15.15 -10.47 -11.26
N ALA E 144 14.63 -9.26 -11.39
CA ALA E 144 13.51 -9.02 -12.29
C ALA E 144 13.92 -8.99 -13.76
N SER E 145 15.21 -8.97 -14.07
CA SER E 145 15.69 -8.99 -15.43
C SER E 145 16.01 -10.40 -15.93
N ILE E 146 15.87 -11.41 -15.09
CA ILE E 146 16.17 -12.78 -15.47
C ILE E 146 14.92 -13.67 -15.46
N LEU E 147 13.93 -13.36 -14.63
CA LEU E 147 12.83 -14.29 -14.41
C LEU E 147 11.49 -13.67 -14.79
N THR E 148 11.40 -13.12 -15.99
CA THR E 148 10.13 -12.64 -16.52
C THR E 148 9.15 -13.80 -16.70
N ASN E 149 7.91 -13.46 -17.05
CA ASN E 149 6.86 -14.47 -17.15
C ASN E 149 7.08 -15.40 -18.34
N THR E 150 7.54 -14.86 -19.46
CA THR E 150 7.73 -15.70 -20.65
C THR E 150 8.78 -16.78 -20.40
N ARG E 151 9.84 -16.46 -19.66
CA ARG E 151 10.82 -17.48 -19.33
C ARG E 151 10.26 -18.51 -18.37
N VAL E 152 9.32 -18.10 -17.51
CA VAL E 152 8.65 -19.07 -16.64
C VAL E 152 7.82 -20.05 -17.47
N ALA E 153 7.10 -19.54 -18.48
CA ALA E 153 6.35 -20.43 -19.36
C ALA E 153 7.26 -21.37 -20.14
N LYS E 154 8.39 -20.83 -20.63
CA LYS E 154 9.36 -21.67 -21.33
C LYS E 154 9.90 -22.77 -20.42
N ILE E 155 10.19 -22.43 -19.17
CA ILE E 155 10.68 -23.40 -18.21
C ILE E 155 9.63 -24.48 -17.96
N GLY E 156 8.36 -24.08 -17.85
CA GLY E 156 7.31 -25.07 -17.66
C GLY E 156 7.21 -26.05 -18.82
N LEU E 157 7.27 -25.52 -20.05
CA LEU E 157 7.23 -26.40 -21.21
C LEU E 157 8.44 -27.33 -21.25
N ALA E 158 9.63 -26.81 -20.91
CA ALA E 158 10.82 -27.65 -20.88
C ALA E 158 10.71 -28.74 -19.82
N ILE E 159 10.15 -28.41 -18.66
CA ILE E 159 9.95 -29.40 -17.61
C ILE E 159 9.04 -30.51 -18.09
N LEU E 160 7.91 -30.14 -18.70
CA LEU E 160 6.97 -31.14 -19.19
C LEU E 160 7.62 -32.05 -20.23
N THR E 161 8.32 -31.44 -21.20
CA THR E 161 8.95 -32.24 -22.25
C THR E 161 10.01 -33.17 -21.69
N ARG E 162 10.89 -32.66 -20.83
CA ARG E 162 11.94 -33.49 -20.26
C ARG E 162 11.37 -34.64 -19.44
N SER E 163 10.34 -34.37 -18.66
CA SER E 163 9.79 -35.41 -17.81
C SER E 163 9.10 -36.49 -18.63
N PHE E 164 8.34 -36.12 -19.66
CA PHE E 164 7.55 -37.09 -20.39
C PHE E 164 8.23 -37.55 -21.69
N LEU E 165 9.51 -37.22 -21.86
CA LEU E 165 10.25 -37.83 -22.95
C LEU E 165 11.15 -38.97 -22.51
N LEU E 166 11.79 -38.85 -21.35
CA LEU E 166 12.70 -39.90 -20.90
C LEU E 166 11.98 -41.15 -20.43
N ILE E 167 10.69 -41.04 -20.08
CA ILE E 167 9.95 -42.19 -19.59
C ILE E 167 9.27 -42.98 -20.70
N LEU E 168 9.10 -42.38 -21.89
CA LEU E 168 8.34 -43.03 -22.95
C LEU E 168 8.87 -44.40 -23.33
N PRO E 169 10.17 -44.62 -23.55
CA PRO E 169 10.63 -45.97 -23.92
C PRO E 169 10.43 -47.03 -22.85
N LEU E 170 10.36 -46.66 -21.58
CA LEU E 170 10.35 -47.65 -20.51
C LEU E 170 9.16 -48.61 -20.59
N PRO E 171 7.90 -48.16 -20.71
CA PRO E 171 6.81 -49.12 -20.86
C PRO E 171 6.67 -49.63 -22.28
N PHE E 172 7.09 -48.82 -23.26
CA PHE E 172 6.96 -49.20 -24.65
C PHE E 172 7.79 -50.44 -24.96
N LEU E 173 9.02 -50.51 -24.46
CA LEU E 173 9.85 -51.68 -24.69
C LEU E 173 9.34 -52.90 -23.92
N LEU E 174 8.80 -52.68 -22.72
CA LEU E 174 8.32 -53.78 -21.89
C LEU E 174 7.00 -54.35 -22.38
N LYS E 175 6.19 -53.57 -23.10
CA LYS E 175 4.88 -54.05 -23.54
C LYS E 175 5.02 -55.20 -24.54
N ARG E 176 6.01 -55.12 -25.43
CA ARG E 176 6.14 -56.13 -26.48
C ARG E 176 6.67 -57.46 -25.95
N LEU E 177 7.40 -57.44 -24.84
CA LEU E 177 8.01 -58.65 -24.33
C LEU E 177 6.95 -59.64 -23.82
N PRO E 178 7.19 -60.94 -24.00
CA PRO E 178 6.23 -61.93 -23.50
C PRO E 178 6.51 -62.35 -22.06
N TYR E 179 5.50 -62.29 -21.21
CA TYR E 179 5.62 -62.66 -19.80
C TYR E 179 5.04 -64.05 -19.59
N CYS E 180 5.85 -64.95 -19.01
CA CYS E 180 5.54 -66.37 -19.02
C CYS E 180 5.68 -67.08 -17.69
N HIS E 181 6.46 -66.57 -16.74
CA HIS E 181 6.87 -67.37 -15.58
C HIS E 181 5.81 -67.42 -14.49
N SER E 182 5.48 -66.26 -13.90
CA SER E 182 4.60 -66.24 -12.73
C SER E 182 3.59 -65.11 -12.72
N ASN E 183 3.78 -64.05 -13.49
CA ASN E 183 2.87 -62.90 -13.57
C ASN E 183 2.40 -62.42 -12.19
N VAL E 184 3.31 -62.49 -11.22
CA VAL E 184 3.04 -62.01 -9.86
C VAL E 184 4.04 -60.91 -9.53
N LEU E 185 3.56 -59.88 -8.84
CA LEU E 185 4.36 -58.73 -8.48
C LEU E 185 4.58 -58.70 -6.97
N SER E 186 5.41 -57.76 -6.53
CA SER E 186 5.74 -57.61 -5.12
C SER E 186 5.12 -56.39 -4.47
N HIS E 187 4.94 -55.31 -5.20
CA HIS E 187 4.34 -54.09 -4.66
C HIS E 187 2.84 -54.08 -4.88
N SER E 188 2.19 -53.03 -4.40
CA SER E 188 0.76 -52.81 -4.62
C SER E 188 0.48 -52.04 -5.90
N TYR E 189 1.51 -51.77 -6.70
CA TYR E 189 1.36 -51.07 -7.97
C TYR E 189 2.54 -51.45 -8.86
N CYS E 190 2.42 -51.11 -10.14
CA CYS E 190 3.39 -51.54 -11.12
C CYS E 190 4.60 -50.62 -11.13
N LEU E 191 5.79 -51.23 -11.05
CA LEU E 191 7.06 -50.50 -11.14
C LEU E 191 7.92 -51.19 -12.19
N HIS E 192 8.69 -50.38 -12.92
CA HIS E 192 9.42 -50.90 -14.08
C HIS E 192 10.44 -51.95 -13.67
N GLN E 193 11.21 -51.69 -12.61
CA GLN E 193 12.27 -52.62 -12.22
C GLN E 193 11.70 -53.92 -11.67
N ASP E 194 10.50 -53.89 -11.10
CA ASP E 194 9.88 -55.13 -10.64
C ASP E 194 9.23 -55.90 -11.79
N VAL E 195 8.58 -55.17 -12.71
CA VAL E 195 7.88 -55.82 -13.81
C VAL E 195 8.88 -56.46 -14.77
N MET E 196 10.03 -55.83 -15.00
CA MET E 196 10.97 -56.35 -15.99
C MET E 196 11.52 -57.71 -15.61
N LYS E 197 11.42 -58.11 -14.34
CA LYS E 197 11.94 -59.40 -13.92
C LYS E 197 11.14 -60.58 -14.46
N LEU E 198 9.95 -60.35 -15.02
CA LEU E 198 9.08 -61.41 -15.50
C LEU E 198 9.07 -61.52 -17.02
N ALA E 199 9.95 -60.79 -17.71
CA ALA E 199 9.92 -60.76 -19.17
C ALA E 199 10.42 -62.05 -19.81
N CYS E 200 11.02 -62.96 -19.03
CA CYS E 200 11.42 -64.29 -19.47
C CYS E 200 12.62 -64.27 -20.41
N ALA E 201 13.05 -63.09 -20.86
CA ALA E 201 14.14 -63.02 -21.83
C ALA E 201 14.68 -61.61 -22.03
N ASP E 202 16.01 -61.46 -21.98
CA ASP E 202 16.72 -60.27 -22.45
C ASP E 202 16.24 -59.00 -21.73
N ILE E 203 16.50 -58.97 -20.43
CA ILE E 203 16.15 -57.83 -19.60
C ILE E 203 17.37 -56.97 -19.26
N ARG E 204 18.49 -57.19 -19.94
CA ARG E 204 19.71 -56.42 -19.64
C ARG E 204 19.57 -54.97 -20.07
N PHE E 205 19.13 -54.75 -21.32
CA PHE E 205 19.09 -53.39 -21.86
C PHE E 205 18.11 -52.51 -21.11
N ASN E 206 16.92 -53.04 -20.82
CA ASN E 206 15.92 -52.25 -20.11
C ASN E 206 16.43 -51.85 -18.72
N SER E 207 17.03 -52.81 -18.01
CA SER E 207 17.53 -52.53 -16.67
C SER E 207 18.65 -51.49 -16.70
N ILE E 208 19.59 -51.65 -17.63
CA ILE E 208 20.73 -50.72 -17.67
C ILE E 208 20.27 -49.33 -18.09
N TYR E 209 19.34 -49.23 -19.04
CA TYR E 209 18.82 -47.93 -19.44
C TYR E 209 18.07 -47.26 -18.31
N GLY E 210 17.23 -48.01 -17.59
CA GLY E 210 16.51 -47.43 -16.47
C GLY E 210 17.44 -46.93 -15.39
N LEU E 211 18.45 -47.74 -15.04
CA LEU E 211 19.41 -47.31 -14.02
C LEU E 211 20.17 -46.07 -14.47
N PHE E 212 20.60 -46.04 -15.73
CA PHE E 212 21.34 -44.89 -16.24
C PHE E 212 20.50 -43.62 -16.18
N VAL E 213 19.23 -43.70 -16.60
CA VAL E 213 18.37 -42.52 -16.55
C VAL E 213 18.17 -42.07 -15.11
N VAL E 214 17.74 -42.99 -14.25
CA VAL E 214 17.39 -42.64 -12.87
C VAL E 214 18.59 -42.04 -12.14
N LEU E 215 19.79 -42.57 -12.39
CA LEU E 215 20.96 -41.98 -11.74
C LEU E 215 21.35 -40.66 -12.39
N SER E 216 21.69 -40.69 -13.69
CA SER E 216 22.32 -39.54 -14.33
C SER E 216 21.41 -38.33 -14.33
N THR E 217 20.18 -38.46 -14.80
CA THR E 217 19.35 -37.28 -15.00
C THR E 217 18.61 -36.87 -13.74
N MET E 218 18.79 -37.58 -12.64
CA MET E 218 17.88 -37.42 -11.51
C MET E 218 18.57 -37.51 -10.14
N GLY E 219 19.90 -37.67 -10.09
CA GLY E 219 20.65 -37.48 -8.86
C GLY E 219 21.46 -36.20 -8.89
N LEU E 220 21.95 -35.82 -10.07
CA LEU E 220 22.54 -34.50 -10.24
C LEU E 220 21.56 -33.41 -9.85
N ASP E 221 20.27 -33.68 -9.99
CA ASP E 221 19.24 -32.75 -9.54
C ASP E 221 19.35 -32.50 -8.04
N SER E 222 19.44 -33.57 -7.25
CA SER E 222 19.59 -33.42 -5.81
C SER E 222 20.91 -32.74 -5.46
N LEU E 223 21.96 -33.07 -6.18
CA LEU E 223 23.25 -32.44 -5.93
C LEU E 223 23.17 -30.93 -6.14
N LEU E 224 22.53 -30.50 -7.23
CA LEU E 224 22.40 -29.07 -7.51
C LEU E 224 21.52 -28.38 -6.45
N ILE E 225 20.46 -29.04 -6.01
CA ILE E 225 19.60 -28.45 -4.99
C ILE E 225 20.39 -28.25 -3.69
N LEU E 226 21.15 -29.26 -3.30
CA LEU E 226 21.96 -29.15 -2.08
C LEU E 226 23.01 -28.05 -2.21
N PHE E 227 23.64 -27.94 -3.38
CA PHE E 227 24.62 -26.88 -3.58
C PHE E 227 23.98 -25.50 -3.46
N SER E 228 22.79 -25.32 -4.03
CA SER E 228 22.11 -24.04 -3.91
C SER E 228 21.79 -23.70 -2.47
N TYR E 229 21.31 -24.69 -1.70
CA TYR E 229 21.06 -24.43 -0.28
C TYR E 229 22.34 -24.09 0.47
N ILE E 230 23.46 -24.74 0.12
CA ILE E 230 24.72 -24.43 0.79
C ILE E 230 25.11 -22.97 0.53
N LEU E 231 25.00 -22.53 -0.73
CA LEU E 231 25.35 -21.14 -1.03
C LEU E 231 24.39 -20.15 -0.37
N ILE E 232 23.10 -20.47 -0.32
CA ILE E 232 22.14 -19.57 0.33
C ILE E 232 22.45 -19.47 1.82
N LEU E 233 22.76 -20.59 2.46
CA LEU E 233 23.12 -20.57 3.87
C LEU E 233 24.38 -19.76 4.12
N LYS E 234 25.37 -19.90 3.25
CA LYS E 234 26.59 -19.11 3.37
C LYS E 234 26.29 -17.62 3.27
N THR E 235 25.42 -17.24 2.33
CA THR E 235 25.03 -15.83 2.20
C THR E 235 24.30 -15.33 3.45
N VAL E 236 23.37 -16.14 3.98
CA VAL E 236 22.53 -15.67 5.07
C VAL E 236 23.24 -15.72 6.42
N LEU E 237 24.38 -16.42 6.53
CA LEU E 237 25.06 -16.51 7.82
C LEU E 237 25.49 -15.14 8.32
N GLY E 238 26.06 -14.31 7.45
CA GLY E 238 26.60 -13.04 7.87
C GLY E 238 25.61 -11.88 7.85
N ILE E 239 24.39 -12.12 8.31
CA ILE E 239 23.35 -11.10 8.35
C ILE E 239 22.62 -11.19 9.69
N ALA E 240 22.36 -10.02 10.28
CA ALA E 240 21.53 -9.89 11.48
C ALA E 240 22.14 -10.56 12.70
N SER E 241 21.33 -10.76 13.74
CA SER E 241 21.76 -11.34 15.00
C SER E 241 21.29 -12.79 15.08
N ARG E 242 21.49 -13.42 16.24
CA ARG E 242 21.15 -14.83 16.40
C ARG E 242 19.66 -15.07 16.25
N GLU E 243 18.83 -14.05 16.51
CA GLU E 243 17.39 -14.23 16.43
C GLU E 243 16.96 -14.61 15.02
N GLU E 244 17.53 -13.97 14.01
CA GLU E 244 17.21 -14.34 12.63
C GLU E 244 18.03 -15.53 12.15
N ARG E 245 19.22 -15.73 12.70
CA ARG E 245 20.03 -16.88 12.33
C ARG E 245 19.33 -18.18 12.69
N LEU E 246 18.69 -18.23 13.86
CA LEU E 246 17.97 -19.44 14.24
C LEU E 246 16.82 -19.73 13.28
N LYS E 247 16.07 -18.69 12.90
CA LYS E 247 14.97 -18.87 11.95
C LYS E 247 15.47 -19.36 10.60
N ALA E 248 16.56 -18.76 10.11
CA ALA E 248 17.11 -19.17 8.82
C ALA E 248 17.58 -20.61 8.86
N LEU E 249 18.26 -21.00 9.95
CA LEU E 249 18.74 -22.38 10.07
C LEU E 249 17.57 -23.36 10.14
N ASN E 250 16.53 -23.01 10.89
CA ASN E 250 15.38 -23.90 10.99
C ASN E 250 14.72 -24.12 9.61
N THR E 251 14.53 -23.03 8.87
CA THR E 251 13.91 -23.19 7.54
C THR E 251 14.80 -23.97 6.59
N CYS E 252 16.11 -23.69 6.59
CA CYS E 252 17.02 -24.38 5.69
C CYS E 252 17.24 -25.84 6.06
N VAL E 253 16.99 -26.22 7.32
CA VAL E 253 17.01 -27.62 7.69
C VAL E 253 15.71 -28.31 7.33
N SER E 254 14.57 -27.63 7.48
CA SER E 254 13.30 -28.22 7.07
C SER E 254 13.30 -28.52 5.57
N HIS E 255 13.79 -27.59 4.76
CA HIS E 255 13.81 -27.82 3.32
C HIS E 255 14.74 -28.97 2.95
N ILE E 256 15.91 -29.04 3.58
CA ILE E 256 16.85 -30.11 3.27
C ILE E 256 16.27 -31.47 3.68
N CYS E 257 15.62 -31.54 4.83
CA CYS E 257 14.98 -32.79 5.24
C CYS E 257 13.89 -33.20 4.27
N ALA E 258 13.08 -32.22 3.81
CA ALA E 258 12.03 -32.52 2.84
C ALA E 258 12.61 -33.04 1.53
N VAL E 259 13.73 -32.48 1.09
CA VAL E 259 14.37 -32.95 -0.13
C VAL E 259 14.90 -34.37 0.06
N LEU E 260 15.58 -34.62 1.18
CA LEU E 260 16.21 -35.92 1.39
C LEU E 260 15.19 -37.04 1.54
N VAL E 261 14.08 -36.77 2.23
CA VAL E 261 13.11 -37.84 2.47
C VAL E 261 12.47 -38.31 1.16
N PHE E 262 12.45 -37.44 0.15
CA PHE E 262 11.97 -37.82 -1.17
C PHE E 262 13.07 -38.45 -2.03
N TYR E 263 14.30 -37.95 -1.92
CA TYR E 263 15.34 -38.37 -2.84
C TYR E 263 16.08 -39.64 -2.43
N VAL E 264 16.18 -39.94 -1.15
CA VAL E 264 16.97 -41.09 -0.70
C VAL E 264 16.25 -42.42 -0.97
N PRO E 265 15.02 -42.66 -0.46
CA PRO E 265 14.44 -44.00 -0.59
C PRO E 265 13.93 -44.28 -1.99
N MET E 266 14.20 -43.36 -2.91
CA MET E 266 13.83 -43.43 -4.31
C MET E 266 14.97 -43.90 -5.20
N ILE E 267 16.17 -43.36 -5.04
CA ILE E 267 17.35 -43.98 -5.64
C ILE E 267 17.69 -45.29 -4.95
N GLY E 268 17.47 -45.35 -3.64
CA GLY E 268 17.79 -46.56 -2.90
C GLY E 268 16.98 -47.76 -3.35
N LEU E 269 15.70 -47.55 -3.66
CA LEU E 269 14.87 -48.68 -4.11
C LEU E 269 15.34 -49.20 -5.46
N SER E 270 15.64 -48.30 -6.40
CA SER E 270 16.12 -48.72 -7.70
C SER E 270 17.46 -49.45 -7.59
N LEU E 271 18.30 -49.05 -6.64
CA LEU E 271 19.57 -49.75 -6.44
C LEU E 271 19.35 -51.12 -5.82
N VAL E 272 18.48 -51.20 -4.79
CA VAL E 272 18.36 -52.44 -4.04
C VAL E 272 17.60 -53.50 -4.83
N HIS E 273 16.71 -53.09 -5.75
CA HIS E 273 16.04 -54.10 -6.58
C HIS E 273 17.05 -54.86 -7.43
N ARG E 274 18.00 -54.15 -8.03
CA ARG E 274 18.99 -54.79 -8.88
C ARG E 274 20.08 -55.49 -8.08
N PHE E 275 20.52 -54.90 -6.97
CA PHE E 275 21.68 -55.41 -6.26
C PHE E 275 21.33 -56.21 -5.01
N GLY E 276 20.16 -55.97 -4.41
CA GLY E 276 19.78 -56.65 -3.18
C GLY E 276 19.20 -58.02 -3.39
N LYS E 277 20.07 -59.02 -3.64
CA LYS E 277 19.58 -60.37 -3.87
C LYS E 277 19.03 -61.01 -2.60
N HIS E 278 19.56 -60.65 -1.44
CA HIS E 278 19.20 -61.31 -0.18
C HIS E 278 18.26 -60.49 0.69
N VAL E 279 18.09 -59.20 0.41
CA VAL E 279 17.28 -58.32 1.27
C VAL E 279 15.83 -58.79 1.25
N PRO E 280 15.15 -58.81 2.40
CA PRO E 280 13.74 -59.23 2.43
C PRO E 280 12.86 -58.23 1.69
N PRO E 281 11.70 -58.68 1.19
CA PRO E 281 10.82 -57.76 0.43
C PRO E 281 10.17 -56.68 1.28
N VAL E 282 10.23 -56.79 2.60
CA VAL E 282 9.67 -55.75 3.46
C VAL E 282 10.38 -54.43 3.22
N VAL E 283 11.69 -54.47 2.99
CA VAL E 283 12.44 -53.25 2.71
C VAL E 283 11.97 -52.61 1.41
N HIS E 284 11.76 -53.43 0.37
CA HIS E 284 11.24 -52.91 -0.89
C HIS E 284 9.88 -52.26 -0.68
N VAL E 285 8.99 -52.93 0.04
CA VAL E 285 7.65 -52.40 0.26
C VAL E 285 7.72 -51.07 1.00
N LEU E 286 8.54 -51.00 2.05
CA LEU E 286 8.66 -49.76 2.82
C LEU E 286 9.20 -48.62 1.97
N MET E 287 10.28 -48.86 1.23
CA MET E 287 10.88 -47.78 0.44
C MET E 287 9.92 -47.28 -0.63
N ALA E 288 9.28 -48.22 -1.35
CA ALA E 288 8.35 -47.84 -2.41
C ALA E 288 7.15 -47.08 -1.85
N ASN E 289 6.66 -47.51 -0.69
CA ASN E 289 5.56 -46.77 -0.07
C ASN E 289 5.99 -45.38 0.34
N VAL E 290 7.19 -45.25 0.91
CA VAL E 290 7.62 -43.94 1.42
C VAL E 290 7.73 -42.94 0.28
N TYR E 291 8.61 -43.21 -0.71
CA TYR E 291 8.89 -42.08 -1.58
C TYR E 291 7.72 -41.75 -2.50
N LEU E 292 6.68 -42.59 -2.53
CA LEU E 292 5.52 -42.38 -3.38
C LEU E 292 4.29 -41.93 -2.61
N LEU E 293 4.29 -42.02 -1.29
CA LEU E 293 3.14 -41.59 -0.52
C LEU E 293 3.42 -40.43 0.43
N VAL E 294 4.66 -40.24 0.88
CA VAL E 294 4.96 -39.18 1.84
C VAL E 294 5.11 -37.81 1.17
N PRO E 295 5.85 -37.66 0.08
CA PRO E 295 6.06 -36.31 -0.50
C PRO E 295 4.76 -35.60 -0.84
N PRO E 296 3.74 -36.27 -1.41
CA PRO E 296 2.50 -35.53 -1.72
C PRO E 296 1.86 -34.87 -0.51
N VAL E 297 2.10 -35.38 0.69
CA VAL E 297 1.58 -34.76 1.90
C VAL E 297 2.58 -33.78 2.50
N MET E 298 3.87 -34.09 2.42
CA MET E 298 4.86 -33.26 3.09
C MET E 298 5.12 -31.96 2.33
N ASN E 299 5.14 -32.01 1.00
CA ASN E 299 5.50 -30.82 0.23
C ASN E 299 4.56 -29.64 0.44
N PRO E 300 3.20 -29.80 0.43
CA PRO E 300 2.33 -28.66 0.73
C PRO E 300 2.71 -27.93 2.02
N ILE E 301 2.74 -28.68 3.13
CA ILE E 301 2.94 -28.06 4.44
C ILE E 301 4.24 -27.28 4.48
N ILE E 302 5.33 -27.89 4.03
CA ILE E 302 6.64 -27.26 4.15
C ILE E 302 6.78 -26.08 3.18
N TYR E 303 6.30 -26.23 1.95
CA TYR E 303 6.59 -25.23 0.92
C TYR E 303 5.50 -24.18 0.81
N SER E 304 4.26 -24.59 0.53
CA SER E 304 3.21 -23.64 0.16
C SER E 304 2.52 -23.03 1.37
N VAL E 305 2.08 -23.87 2.31
CA VAL E 305 1.30 -23.38 3.45
C VAL E 305 2.15 -22.46 4.32
N LYS E 306 3.47 -22.68 4.36
CA LYS E 306 4.34 -21.85 5.18
C LYS E 306 4.27 -20.38 4.79
N THR E 307 4.09 -20.09 3.50
CA THR E 307 3.98 -18.71 3.05
C THR E 307 2.73 -18.06 3.62
N LYS E 308 2.87 -16.80 4.03
CA LYS E 308 1.76 -16.09 4.68
C LYS E 308 0.68 -15.68 3.68
N GLN E 309 1.07 -15.38 2.43
CA GLN E 309 0.09 -14.96 1.44
C GLN E 309 -0.91 -16.06 1.11
N ILE E 310 -0.53 -17.32 1.33
CA ILE E 310 -1.46 -18.43 1.14
C ILE E 310 -2.15 -18.81 2.44
N ARG E 311 -1.48 -18.64 3.58
CA ARG E 311 -2.13 -18.88 4.87
C ARG E 311 -3.32 -17.96 5.06
N LYS E 312 -3.17 -16.69 4.70
CA LYS E 312 -4.26 -15.73 4.84
C LYS E 312 -5.47 -16.17 4.04
N ARG E 313 -5.26 -16.53 2.76
CA ARG E 313 -6.37 -16.95 1.91
C ARG E 313 -7.00 -18.23 2.41
N ILE E 314 -6.19 -19.18 2.88
CA ILE E 314 -6.73 -20.44 3.39
C ILE E 314 -7.61 -20.18 4.60
N LEU E 315 -7.14 -19.33 5.52
CA LEU E 315 -7.94 -19.03 6.71
C LEU E 315 -9.24 -18.33 6.33
N ARG E 316 -9.19 -17.37 5.40
CA ARG E 316 -10.42 -16.70 4.99
C ARG E 316 -11.39 -17.67 4.31
N LEU E 317 -10.87 -18.59 3.50
CA LEU E 317 -11.72 -19.59 2.86
C LEU E 317 -12.36 -20.51 3.89
N PHE E 318 -11.59 -20.93 4.90
CA PHE E 318 -12.14 -21.82 5.91
C PHE E 318 -13.15 -21.12 6.81
N SER E 319 -12.97 -19.83 7.06
CA SER E 319 -13.96 -19.10 7.86
C SER E 319 -15.29 -18.98 7.13
N LEU E 320 -15.28 -18.95 5.81
CA LEU E 320 -16.49 -18.86 5.01
C LEU E 320 -17.28 -20.16 5.09
#